data_2QJT
#
_entry.id   2QJT
#
_cell.length_a   125.644
_cell.length_b   163.645
_cell.length_c   179.967
_cell.angle_alpha   90.00
_cell.angle_beta   90.00
_cell.angle_gamma   90.00
#
_symmetry.space_group_name_H-M   'F 2 2 2'
#
loop_
_entity.id
_entity.type
_entity.pdbx_description
1 polymer 'Nicotinamide-nucleotide adenylyltransferase'
2 non-polymer 'MANGANESE (II) ION'
3 non-polymer 'ADENOSINE MONOPHOSPHATE'
4 water water
#
_entity_poly.entity_id   1
_entity_poly.type   'polypeptide(L)'
_entity_poly.pdbx_seq_one_letter_code
;GAMDPMYDISVFIGRFQPFHKGHLHNIIIALQNSKKVIINIGSCFNTPNIKNPFSFEQRKQMIESDLQVAGIDLDTVVIE
PLADYFYQEQKWQDELRKNVYKHAKNNNSIAIVGHIKDSSSYYIRSFPEWDYIGVDNYKNFNATEFRQKFYNGIISKQYM
CSNDPKLGTYNFLTKFMDTQVYQDLVAENNYVIEYKRLWLKAPFKPNFVTVDALVIVNDHILMVQRKAHPGKDLWALPGG
FLECDETIAQAIIRELFEETNINLTHEQLAIAKRCEKVFDYPDRSVRGRTISHVGLFVFDQWPSLPEINAADDAKDVKWI
SLGSNIKNICDRMLEDHYQIITILLEECGKKL
;
_entity_poly.pdbx_strand_id   B,A
#
# COMPACT_ATOMS: atom_id res chain seq x y z
N MET A 6 5.17 40.16 28.34
CA MET A 6 6.60 39.78 28.61
C MET A 6 7.42 39.50 27.34
N TYR A 7 7.06 38.47 26.56
CA TYR A 7 7.75 38.15 25.28
C TYR A 7 7.39 39.19 24.24
N ASP A 8 8.30 39.45 23.28
CA ASP A 8 8.06 40.39 22.16
C ASP A 8 7.09 39.85 21.11
N ILE A 9 7.19 38.55 20.87
CA ILE A 9 6.46 37.86 19.83
C ILE A 9 5.96 36.54 20.42
N SER A 10 4.71 36.22 20.15
CA SER A 10 4.24 34.84 20.29
C SER A 10 3.85 34.29 18.92
N VAL A 11 3.92 32.96 18.78
CA VAL A 11 3.71 32.29 17.52
C VAL A 11 2.52 31.34 17.69
N PHE A 12 1.50 31.47 16.83
CA PHE A 12 0.25 30.75 16.99
C PHE A 12 -0.14 30.09 15.68
N ILE A 13 -0.49 28.80 15.73
CA ILE A 13 -0.74 28.01 14.52
C ILE A 13 -2.12 27.38 14.58
N GLY A 14 -2.89 27.51 13.50
CA GLY A 14 -4.16 26.82 13.36
C GLY A 14 -4.65 26.72 11.92
N ARG A 15 -5.70 25.96 11.70
CA ARG A 15 -6.26 25.80 10.39
C ARG A 15 -7.33 26.81 10.17
N PHE A 16 -8.10 27.04 11.23
CA PHE A 16 -9.16 28.08 11.26
C PHE A 16 -10.21 27.84 10.20
N GLN A 17 -10.75 26.61 10.22
CA GLN A 17 -11.75 26.14 9.26
C GLN A 17 -13.09 25.84 9.91
N PRO A 18 -13.80 26.87 10.43
CA PRO A 18 -13.38 28.30 10.48
C PRO A 18 -12.78 28.75 11.84
N PHE A 19 -12.49 30.03 11.96
CA PHE A 19 -12.09 30.65 13.23
C PHE A 19 -13.28 30.65 14.18
N HIS A 20 -13.01 30.37 15.45
CA HIS A 20 -14.07 30.26 16.43
C HIS A 20 -13.60 30.72 17.81
N LYS A 21 -14.55 30.70 18.76
CA LYS A 21 -14.37 31.16 20.15
C LYS A 21 -13.20 30.47 20.85
N GLY A 22 -12.91 29.21 20.52
CA GLY A 22 -11.77 28.56 21.10
C GLY A 22 -10.48 29.19 20.62
N HIS A 23 -10.40 29.45 19.31
CA HIS A 23 -9.24 30.15 18.73
C HIS A 23 -9.05 31.55 19.36
N LEU A 24 -10.15 32.30 19.46
CA LEU A 24 -10.15 33.63 20.08
C LEU A 24 -9.59 33.55 21.48
N HIS A 25 -10.14 32.66 22.28
CA HIS A 25 -9.70 32.45 23.66
C HIS A 25 -8.17 32.35 23.74
N ASN A 26 -7.61 31.52 22.89
CA ASN A 26 -6.17 31.25 22.91
C ASN A 26 -5.29 32.38 22.43
N ILE A 27 -5.84 33.26 21.61
CA ILE A 27 -5.13 34.41 21.06
C ILE A 27 -5.09 35.51 22.15
N ILE A 28 -6.15 35.58 22.95
CA ILE A 28 -6.23 36.44 24.14
C ILE A 28 -5.14 36.09 25.19
N ILE A 29 -5.03 34.82 25.55
CA ILE A 29 -3.89 34.38 26.37
C ILE A 29 -2.54 34.76 25.73
N ALA A 30 -2.32 34.44 24.45
CA ALA A 30 -1.06 34.79 23.77
C ALA A 30 -0.64 36.27 23.91
N LEU A 31 -1.65 37.13 23.94
CA LEU A 31 -1.46 38.58 24.04
C LEU A 31 -1.36 39.10 25.47
N GLN A 32 -1.81 38.31 26.44
CA GLN A 32 -1.49 38.61 27.83
C GLN A 32 0.00 38.27 28.13
N ASN A 33 0.68 37.57 27.23
CA ASN A 33 2.00 37.01 27.46
C ASN A 33 3.03 37.55 26.46
N SER A 34 2.54 38.26 25.45
CA SER A 34 3.40 38.84 24.43
C SER A 34 2.81 40.16 23.95
N LYS A 35 3.57 40.91 23.17
CA LYS A 35 3.16 42.22 22.71
C LYS A 35 2.60 42.14 21.30
N LYS A 36 3.06 41.15 20.52
CA LYS A 36 2.59 40.88 19.17
C LYS A 36 2.44 39.37 19.00
N VAL A 37 1.34 38.94 18.36
CA VAL A 37 1.10 37.53 18.10
C VAL A 37 1.17 37.31 16.60
N ILE A 38 1.90 36.27 16.18
CA ILE A 38 2.04 35.93 14.76
C ILE A 38 1.16 34.72 14.48
N ILE A 39 0.11 34.91 13.69
CA ILE A 39 -0.86 33.86 13.43
C ILE A 39 -0.51 33.21 12.10
N ASN A 40 -0.23 31.90 12.21
CA ASN A 40 0.08 31.09 11.05
C ASN A 40 -1.10 30.22 10.73
N ILE A 41 -1.61 30.39 9.52
CA ILE A 41 -2.74 29.62 9.03
C ILE A 41 -2.18 28.38 8.28
N GLY A 42 -2.50 27.21 8.82
CA GLY A 42 -2.07 25.97 8.20
C GLY A 42 -2.96 25.54 7.05
N SER A 43 -2.41 24.71 6.17
CA SER A 43 -3.10 24.14 4.99
C SER A 43 -3.65 25.18 4.04
N CYS A 44 -2.73 26.04 3.62
CA CYS A 44 -3.05 27.08 2.65
C CYS A 44 -2.73 26.55 1.26
N PHE A 45 -3.30 27.24 0.27
CA PHE A 45 -3.09 27.03 -1.14
C PHE A 45 -3.68 25.71 -1.70
N ASN A 46 -4.57 25.08 -0.94
CA ASN A 46 -5.33 23.93 -1.43
C ASN A 46 -6.69 24.38 -1.93
N THR A 47 -7.22 23.63 -2.87
CA THR A 47 -8.58 23.82 -3.32
C THR A 47 -9.56 23.49 -2.17
N PRO A 48 -10.78 24.05 -2.22
CA PRO A 48 -11.76 23.79 -1.16
C PRO A 48 -12.13 22.33 -1.12
N ASN A 49 -12.00 21.72 0.05
CA ASN A 49 -12.56 20.40 0.27
C ASN A 49 -13.42 20.52 1.53
N ILE A 50 -14.24 19.51 1.80
CA ILE A 50 -15.09 19.56 2.99
C ILE A 50 -14.34 19.87 4.30
N LYS A 51 -13.08 19.44 4.41
CA LYS A 51 -12.32 19.58 5.67
C LYS A 51 -11.68 20.94 5.73
N ASN A 52 -11.28 21.41 4.56
CA ASN A 52 -10.70 22.72 4.34
C ASN A 52 -11.51 23.59 3.39
N PRO A 53 -12.72 24.00 3.81
CA PRO A 53 -13.60 24.74 2.86
C PRO A 53 -13.13 26.14 2.44
N PHE A 54 -12.37 26.85 3.30
CA PHE A 54 -12.00 28.27 3.09
C PHE A 54 -10.56 28.51 2.65
N SER A 55 -10.36 29.48 1.76
CA SER A 55 -8.99 29.84 1.29
C SER A 55 -8.21 30.58 2.38
N PHE A 56 -6.90 30.81 2.16
CA PHE A 56 -6.09 31.66 3.06
C PHE A 56 -6.66 33.09 3.25
N GLU A 57 -6.98 33.76 2.15
CA GLU A 57 -7.55 35.11 2.21
C GLU A 57 -8.85 35.18 2.96
N GLN A 58 -9.74 34.23 2.68
CA GLN A 58 -11.02 34.12 3.41
C GLN A 58 -10.86 33.96 4.93
N ARG A 59 -9.94 33.10 5.36
CA ARG A 59 -9.64 32.87 6.78
C ARG A 59 -9.01 34.08 7.46
N LYS A 60 -8.04 34.70 6.79
CA LYS A 60 -7.49 36.02 7.18
C LYS A 60 -8.56 37.12 7.44
N GLN A 61 -9.42 37.43 6.44
CA GLN A 61 -10.65 38.25 6.56
C GLN A 61 -11.45 37.86 7.83
N MET A 62 -11.83 36.59 7.91
CA MET A 62 -12.59 36.08 9.08
C MET A 62 -11.91 36.38 10.43
N ILE A 63 -10.61 36.15 10.52
CA ILE A 63 -9.90 36.35 11.79
C ILE A 63 -9.87 37.85 12.17
N GLU A 64 -9.46 38.70 11.23
CA GLU A 64 -9.44 40.16 11.40
C GLU A 64 -10.79 40.72 11.84
N SER A 65 -11.87 40.28 11.21
CA SER A 65 -13.20 40.74 11.58
C SER A 65 -13.65 40.26 12.98
N ASP A 66 -13.29 39.03 13.35
CA ASP A 66 -13.58 38.51 14.69
C ASP A 66 -12.74 39.16 15.78
N LEU A 67 -11.50 39.52 15.47
CA LEU A 67 -10.65 40.26 16.41
C LEU A 67 -11.09 41.73 16.62
N GLN A 68 -11.55 42.40 15.57
CA GLN A 68 -12.29 43.64 15.75
C GLN A 68 -13.53 43.48 16.65
N VAL A 69 -14.38 42.49 16.38
CA VAL A 69 -15.52 42.20 17.25
C VAL A 69 -15.08 41.95 18.70
N ALA A 70 -13.87 41.41 18.91
CA ALA A 70 -13.43 40.98 20.25
C ALA A 70 -12.91 41.97 21.34
N GLY A 71 -12.57 43.24 21.09
CA GLY A 71 -11.97 43.80 19.92
C GLY A 71 -10.50 43.97 20.31
N ILE A 72 -9.64 43.20 19.64
CA ILE A 72 -8.22 43.20 19.84
C ILE A 72 -7.62 44.15 18.81
N ASP A 73 -6.67 44.98 19.27
CA ASP A 73 -6.00 45.92 18.40
C ASP A 73 -5.22 45.11 17.36
N LEU A 74 -5.51 45.36 16.08
CA LEU A 74 -4.94 44.61 14.97
C LEU A 74 -3.49 44.96 14.68
N ASP A 75 -2.94 45.95 15.39
CA ASP A 75 -1.50 46.25 15.29
C ASP A 75 -0.71 45.25 16.14
N THR A 76 -1.42 44.56 17.04
CA THR A 76 -0.81 43.54 17.88
C THR A 76 -0.82 42.13 17.24
N VAL A 77 -1.19 42.05 15.95
CA VAL A 77 -1.52 40.79 15.27
C VAL A 77 -0.96 40.78 13.85
N VAL A 78 -0.31 39.68 13.44
CA VAL A 78 0.04 39.49 12.02
C VAL A 78 -0.42 38.12 11.58
N ILE A 79 -0.70 37.97 10.28
CA ILE A 79 -1.25 36.74 9.75
C ILE A 79 -0.43 36.26 8.55
N GLU A 80 0.08 35.04 8.61
CA GLU A 80 0.87 34.45 7.52
C GLU A 80 0.36 33.06 7.10
N PRO A 81 0.54 32.68 5.82
CA PRO A 81 0.09 31.37 5.37
C PRO A 81 1.11 30.29 5.55
N LEU A 82 0.67 29.06 5.79
CA LEU A 82 1.54 27.89 5.72
C LEU A 82 0.92 26.85 4.82
N ALA A 83 1.68 26.40 3.82
CA ALA A 83 1.25 25.28 2.98
C ALA A 83 1.37 23.97 3.76
N ASP A 84 0.78 22.92 3.21
CA ASP A 84 0.93 21.56 3.78
C ASP A 84 2.21 20.90 3.28
N TYR A 85 2.88 20.17 4.17
CA TYR A 85 4.07 19.33 3.84
C TYR A 85 3.97 18.05 4.67
N PHE A 86 2.93 17.26 4.39
CA PHE A 86 2.70 15.98 5.06
C PHE A 86 3.93 15.05 5.04
N TYR A 87 4.74 15.16 3.99
CA TYR A 87 5.86 14.24 3.70
C TYR A 87 7.24 14.91 3.74
N GLN A 88 7.30 16.21 4.06
CA GLN A 88 8.52 17.03 4.04
C GLN A 88 8.46 18.03 5.19
N GLU A 89 8.43 17.45 6.38
CA GLU A 89 8.33 18.14 7.65
C GLU A 89 9.35 19.27 7.85
N GLN A 90 10.50 19.17 7.17
CA GLN A 90 11.54 20.21 7.22
C GLN A 90 11.17 21.43 6.42
N LYS A 91 10.45 21.24 5.31
CA LYS A 91 9.99 22.41 4.55
C LYS A 91 8.99 23.25 5.35
N TRP A 92 8.31 22.59 6.29
CA TRP A 92 7.27 23.21 7.09
C TRP A 92 7.90 24.00 8.22
N GLN A 93 8.86 23.36 8.89
CA GLN A 93 9.63 24.00 9.95
C GLN A 93 10.31 25.28 9.49
N ASP A 94 10.98 25.22 8.34
CA ASP A 94 11.60 26.38 7.75
C ASP A 94 10.61 27.45 7.32
N GLU A 95 9.54 27.04 6.61
CA GLU A 95 8.50 27.96 6.15
C GLU A 95 7.90 28.75 7.31
N LEU A 96 7.73 28.09 8.46
CA LEU A 96 7.29 28.73 9.70
C LEU A 96 8.32 29.76 10.20
N ARG A 97 9.57 29.31 10.31
CA ARG A 97 10.67 30.18 10.72
C ARG A 97 10.75 31.41 9.83
N LYS A 98 10.56 31.23 8.53
CA LYS A 98 10.53 32.34 7.58
C LYS A 98 9.37 33.29 7.86
N ASN A 99 8.25 32.73 8.34
CA ASN A 99 7.10 33.54 8.77
C ASN A 99 7.40 34.36 10.02
N VAL A 100 7.98 33.71 11.02
CA VAL A 100 8.25 34.35 12.29
C VAL A 100 9.29 35.48 12.18
N TYR A 101 10.31 35.29 11.35
CA TYR A 101 11.44 36.21 11.27
C TYR A 101 11.27 37.25 10.16
N LYS A 102 10.15 37.14 9.43
CA LYS A 102 9.70 38.23 8.61
C LYS A 102 9.27 39.40 9.53
N HIS A 103 8.94 39.07 10.78
CA HIS A 103 8.31 40.01 11.73
C HIS A 103 9.10 40.24 13.00
N ALA A 104 9.56 39.15 13.64
CA ALA A 104 10.49 39.24 14.75
C ALA A 104 11.85 39.61 14.18
N LYS A 105 12.57 40.49 14.86
CA LYS A 105 13.88 40.93 14.37
C LYS A 105 14.85 41.36 15.47
N ASN A 106 16.14 41.12 15.20
CA ASN A 106 17.28 41.47 16.05
C ASN A 106 17.05 41.38 17.58
N ASN A 107 17.00 40.13 18.06
CA ASN A 107 16.95 39.81 19.50
C ASN A 107 15.59 40.07 20.17
N ASN A 108 14.51 39.70 19.48
CA ASN A 108 13.19 39.53 20.10
C ASN A 108 13.10 38.20 20.83
N SER A 109 12.50 38.21 22.01
CA SER A 109 12.18 37.00 22.74
C SER A 109 10.90 36.41 22.13
N ILE A 110 10.97 35.15 21.72
CA ILE A 110 9.89 34.48 20.95
C ILE A 110 9.35 33.25 21.69
N ALA A 111 8.03 33.23 21.90
CA ALA A 111 7.34 32.05 22.44
C ALA A 111 6.36 31.43 21.41
N ILE A 112 6.19 30.10 21.45
CA ILE A 112 5.14 29.39 20.68
C ILE A 112 4.02 29.03 21.63
N VAL A 113 2.78 29.30 21.25
CA VAL A 113 1.62 29.07 22.14
C VAL A 113 0.66 28.02 21.57
N GLY A 114 0.97 26.75 21.80
CA GLY A 114 0.14 25.62 21.36
C GLY A 114 -0.49 24.81 22.49
N HIS A 115 -1.29 23.80 22.12
CA HIS A 115 -1.99 22.96 23.11
C HIS A 115 -1.03 22.02 23.86
N ILE A 116 -1.10 22.06 25.20
CA ILE A 116 -0.20 21.28 26.07
C ILE A 116 -0.32 19.77 25.79
N LYS A 117 -1.28 19.45 24.93
CA LYS A 117 -1.74 18.10 24.65
C LYS A 117 -1.70 17.89 23.13
N ASP A 118 -0.77 17.05 22.68
CA ASP A 118 -0.62 16.68 21.25
C ASP A 118 -0.27 17.89 20.36
N SER A 119 1.02 17.96 20.00
CA SER A 119 1.67 19.11 19.35
C SER A 119 2.52 19.95 20.32
N SER A 120 2.45 19.58 21.61
CA SER A 120 3.37 19.99 22.68
C SER A 120 4.76 19.41 22.47
N SER A 121 4.80 18.09 22.26
CA SER A 121 6.03 17.35 21.96
C SER A 121 6.75 17.91 20.74
N TYR A 122 6.01 18.04 19.64
CA TYR A 122 6.58 18.43 18.33
C TYR A 122 7.26 19.81 18.32
N TYR A 123 6.63 20.78 18.97
CA TYR A 123 7.12 22.18 18.98
C TYR A 123 8.34 22.37 19.88
N ILE A 124 8.33 21.73 21.05
CA ILE A 124 9.48 21.64 21.96
C ILE A 124 10.75 21.12 21.26
N ARG A 125 10.61 20.01 20.52
CA ARG A 125 11.73 19.40 19.80
C ARG A 125 12.22 20.23 18.62
N SER A 126 11.29 20.64 17.75
CA SER A 126 11.63 21.27 16.48
C SER A 126 12.06 22.74 16.57
N PHE A 127 11.59 23.43 17.61
CA PHE A 127 11.91 24.85 17.81
C PHE A 127 12.48 25.08 19.21
N PRO A 128 13.70 24.56 19.50
CA PRO A 128 14.23 24.74 20.85
C PRO A 128 14.57 26.21 21.11
N GLU A 129 14.99 26.93 20.05
CA GLU A 129 15.26 28.36 20.15
C GLU A 129 14.11 29.22 20.72
N TRP A 130 12.86 28.74 20.65
CA TRP A 130 11.68 29.47 21.16
C TRP A 130 11.13 28.82 22.42
N ASP A 131 10.57 29.64 23.29
CA ASP A 131 9.98 29.16 24.54
C ASP A 131 8.59 28.60 24.24
N TYR A 132 7.99 27.95 25.24
CA TYR A 132 6.67 27.39 25.06
C TYR A 132 5.70 28.01 26.04
N ILE A 133 4.48 28.26 25.57
CA ILE A 133 3.39 28.65 26.46
C ILE A 133 2.30 27.62 26.23
N GLY A 134 2.09 26.78 27.23
CA GLY A 134 1.08 25.75 27.12
C GLY A 134 -0.28 26.39 27.27
N VAL A 135 -1.18 26.05 26.35
CA VAL A 135 -2.60 26.32 26.56
C VAL A 135 -3.44 25.08 26.34
N ASP A 136 -4.49 25.02 27.14
CA ASP A 136 -5.78 24.53 26.70
C ASP A 136 -6.76 24.31 27.83
N ASN A 137 -7.97 24.69 27.51
CA ASN A 137 -8.98 24.83 28.49
C ASN A 137 -10.11 23.85 28.21
N TYR A 138 -11.06 23.83 29.14
CA TYR A 138 -12.02 22.74 29.22
C TYR A 138 -12.71 22.37 27.90
N LYS A 139 -12.80 23.32 26.95
CA LYS A 139 -14.01 23.45 26.12
C LYS A 139 -14.38 22.43 25.01
N ASN A 140 -13.40 21.75 24.42
CA ASN A 140 -13.64 20.74 23.38
C ASN A 140 -14.34 21.27 22.10
N PHE A 141 -13.85 22.38 21.55
CA PHE A 141 -14.45 22.96 20.33
C PHE A 141 -14.21 22.06 19.14
N ASN A 142 -15.28 21.44 18.64
CA ASN A 142 -15.08 20.43 17.61
C ASN A 142 -15.22 21.02 16.20
N ALA A 143 -14.09 21.14 15.50
CA ALA A 143 -14.07 21.67 14.14
C ALA A 143 -15.01 20.91 13.20
N THR A 144 -14.88 19.57 13.20
CA THR A 144 -15.66 18.65 12.38
C THR A 144 -17.14 18.77 12.66
N GLU A 145 -17.49 18.69 13.95
CA GLU A 145 -18.87 18.90 14.40
C GLU A 145 -19.52 20.19 13.86
N PHE A 146 -18.74 21.27 13.80
CA PHE A 146 -19.20 22.52 13.30
C PHE A 146 -19.48 22.49 11.78
N ARG A 147 -18.53 21.95 11.00
CA ARG A 147 -18.69 21.86 9.55
C ARG A 147 -19.82 20.95 9.15
N GLN A 148 -19.99 19.83 9.85
CA GLN A 148 -21.12 18.95 9.59
C GLN A 148 -22.46 19.64 9.72
N LYS A 149 -22.68 20.38 10.82
CA LYS A 149 -23.89 21.15 10.99
C LYS A 149 -23.94 22.24 9.92
N PHE A 150 -22.80 22.84 9.60
CA PHE A 150 -22.73 23.90 8.57
C PHE A 150 -23.15 23.37 7.18
N TYR A 151 -22.73 22.12 6.87
CA TYR A 151 -23.11 21.47 5.62
C TYR A 151 -24.58 21.05 5.61
N ASN A 152 -25.21 21.06 6.79
CA ASN A 152 -26.66 20.90 6.90
C ASN A 152 -27.43 22.21 7.00
N GLY A 153 -26.74 23.34 6.85
CA GLY A 153 -27.45 24.62 6.81
C GLY A 153 -27.49 25.37 8.14
N ILE A 154 -26.74 24.90 9.13
CA ILE A 154 -26.78 25.52 10.45
C ILE A 154 -25.42 26.12 10.85
N ILE A 155 -25.41 27.38 11.21
CA ILE A 155 -24.22 27.94 11.82
C ILE A 155 -24.40 27.78 13.33
N SER A 156 -23.57 26.96 13.98
CA SER A 156 -23.51 26.87 15.46
C SER A 156 -23.07 28.16 16.20
N LYS A 157 -24.03 28.85 16.81
CA LYS A 157 -23.73 30.18 17.43
C LYS A 157 -22.66 30.17 18.49
N GLN A 158 -22.58 29.12 19.31
CA GLN A 158 -21.62 29.09 20.40
C GLN A 158 -20.20 29.03 19.90
N TYR A 159 -20.03 28.70 18.62
CA TYR A 159 -18.70 28.77 18.02
C TYR A 159 -18.35 30.19 17.58
N MET A 160 -19.37 31.02 17.30
CA MET A 160 -19.15 32.31 16.66
C MET A 160 -18.70 33.36 17.66
N CYS A 161 -17.58 34.00 17.38
CA CYS A 161 -17.16 35.17 18.14
C CYS A 161 -18.23 36.28 18.18
N SER A 162 -18.94 36.46 17.10
CA SER A 162 -19.96 37.49 17.00
C SER A 162 -21.34 36.84 17.22
N ASN A 163 -22.16 37.42 18.10
CA ASN A 163 -23.60 37.02 18.30
C ASN A 163 -24.53 37.55 17.21
N ASP A 164 -23.98 38.39 16.35
CA ASP A 164 -24.72 39.14 15.33
C ASP A 164 -24.40 38.57 13.91
N PRO A 165 -25.38 37.98 13.20
CA PRO A 165 -25.12 37.45 11.83
C PRO A 165 -24.66 38.48 10.81
N LYS A 166 -24.71 39.77 11.17
CA LYS A 166 -24.30 40.87 10.28
C LYS A 166 -22.82 41.13 10.37
N LEU A 167 -22.17 40.48 11.33
CA LEU A 167 -20.75 40.74 11.61
C LEU A 167 -19.85 39.48 11.69
N GLY A 168 -18.56 39.71 11.44
CA GLY A 168 -17.52 38.72 11.63
C GLY A 168 -17.66 37.48 10.79
N THR A 169 -17.04 36.41 11.29
CA THR A 169 -17.07 35.07 10.66
C THR A 169 -18.51 34.66 10.47
N TYR A 170 -19.35 34.97 11.45
CA TYR A 170 -20.81 34.69 11.40
C TYR A 170 -21.44 35.28 10.12
N ASN A 171 -21.19 36.54 9.81
CA ASN A 171 -21.66 37.17 8.57
C ASN A 171 -21.11 36.45 7.33
N PHE A 172 -19.78 36.32 7.28
CA PHE A 172 -19.07 35.61 6.21
C PHE A 172 -19.71 34.24 5.85
N LEU A 173 -19.96 33.42 6.87
CA LEU A 173 -20.60 32.11 6.72
C LEU A 173 -22.05 32.21 6.26
N THR A 174 -22.76 33.26 6.67
CA THR A 174 -24.16 33.48 6.21
C THR A 174 -24.19 33.71 4.67
N LYS A 175 -23.26 34.54 4.22
CA LYS A 175 -23.16 34.89 2.83
C LYS A 175 -22.57 33.74 2.04
N PHE A 176 -21.63 33.01 2.65
CA PHE A 176 -21.00 31.87 1.98
C PHE A 176 -22.01 30.79 1.62
N MET A 177 -23.01 30.59 2.47
CA MET A 177 -24.09 29.61 2.23
C MET A 177 -24.94 29.84 0.97
N ASP A 178 -24.85 31.02 0.37
CA ASP A 178 -25.57 31.35 -0.88
C ASP A 178 -24.72 31.13 -2.12
N THR A 179 -23.44 30.76 -1.93
CA THR A 179 -22.53 30.54 -3.06
C THR A 179 -22.60 29.11 -3.61
N GLN A 180 -22.08 28.96 -4.83
CA GLN A 180 -21.98 27.69 -5.53
C GLN A 180 -20.94 26.77 -4.87
N VAL A 181 -19.78 27.34 -4.46
CA VAL A 181 -18.74 26.59 -3.75
C VAL A 181 -19.35 25.86 -2.54
N TYR A 182 -20.17 26.58 -1.76
CA TYR A 182 -20.90 25.99 -0.68
C TYR A 182 -21.70 24.78 -1.09
N GLN A 183 -22.51 24.94 -2.16
CA GLN A 183 -23.26 23.86 -2.81
C GLN A 183 -22.41 22.66 -3.26
N ASP A 184 -21.18 22.93 -3.72
CA ASP A 184 -20.25 21.87 -4.13
C ASP A 184 -19.66 21.14 -2.93
N LEU A 185 -19.40 21.90 -1.87
CA LEU A 185 -18.98 21.32 -0.59
C LEU A 185 -20.03 20.39 0.02
N VAL A 186 -21.27 20.86 0.07
CA VAL A 186 -22.41 20.03 0.53
C VAL A 186 -22.54 18.74 -0.27
N ALA A 187 -22.45 18.85 -1.59
CA ALA A 187 -22.50 17.69 -2.48
C ALA A 187 -21.39 16.68 -2.20
N GLU A 188 -20.15 17.18 -2.02
CA GLU A 188 -19.00 16.35 -1.62
C GLU A 188 -19.23 15.73 -0.27
N ASN A 189 -19.74 16.52 0.67
CA ASN A 189 -20.10 15.98 1.96
C ASN A 189 -21.07 14.81 1.93
N ASN A 190 -22.12 14.92 1.11
CA ASN A 190 -23.14 13.87 0.98
C ASN A 190 -22.53 12.60 0.39
N TYR A 191 -21.71 12.78 -0.64
CA TYR A 191 -20.95 11.71 -1.21
C TYR A 191 -20.13 10.98 -0.15
N VAL A 192 -19.40 11.74 0.68
CA VAL A 192 -18.53 11.16 1.70
C VAL A 192 -19.31 10.44 2.80
N ILE A 193 -20.41 11.03 3.26
CA ILE A 193 -21.27 10.38 4.26
C ILE A 193 -21.80 9.02 3.77
N GLU A 194 -22.22 8.99 2.51
CA GLU A 194 -22.78 7.76 1.91
C GLU A 194 -21.67 6.73 1.67
N TYR A 195 -20.53 7.19 1.15
CA TYR A 195 -19.40 6.31 0.96
C TYR A 195 -19.01 5.54 2.23
N LYS A 196 -18.89 6.28 3.34
CA LYS A 196 -18.56 5.76 4.65
C LYS A 196 -19.62 4.86 5.28
N ARG A 197 -20.89 5.18 5.01
CA ARG A 197 -22.04 4.36 5.43
C ARG A 197 -21.94 2.91 4.91
N LEU A 198 -21.60 2.75 3.63
CA LEU A 198 -21.40 1.43 3.06
C LEU A 198 -20.39 0.57 3.86
N TRP A 199 -19.43 1.22 4.51
CA TRP A 199 -18.26 0.57 5.11
C TRP A 199 -18.33 0.36 6.63
N LEU A 200 -19.37 0.90 7.25
CA LEU A 200 -19.66 0.82 8.70
C LEU A 200 -19.84 -0.62 9.21
N LYS A 201 -20.20 -1.51 8.28
CA LYS A 201 -20.46 -2.93 8.54
C LYS A 201 -19.22 -3.84 8.56
N ALA A 202 -18.29 -3.61 7.62
CA ALA A 202 -16.98 -4.26 7.59
C ALA A 202 -16.39 -4.51 8.98
N PRO A 203 -15.81 -5.70 9.17
CA PRO A 203 -15.26 -6.07 10.51
C PRO A 203 -14.06 -5.23 11.00
N PHE A 204 -13.32 -4.66 10.04
CA PHE A 204 -12.23 -3.73 10.31
C PHE A 204 -12.34 -2.52 9.39
N LYS A 205 -11.94 -1.39 9.93
CA LYS A 205 -11.81 -0.15 9.17
C LYS A 205 -10.87 -0.42 7.98
N PRO A 206 -11.31 -0.07 6.76
CA PRO A 206 -10.50 -0.24 5.53
C PRO A 206 -9.35 0.77 5.35
N ASN A 207 -8.21 0.27 4.89
CA ASN A 207 -7.22 1.12 4.24
C ASN A 207 -7.40 0.88 2.75
N PHE A 208 -7.79 1.93 2.05
CA PHE A 208 -7.96 1.89 0.60
C PHE A 208 -6.63 2.10 -0.10
N VAL A 209 -6.46 1.36 -1.20
CA VAL A 209 -5.25 1.43 -2.02
C VAL A 209 -5.60 1.96 -3.42
N THR A 210 -4.93 3.03 -3.80
CA THR A 210 -5.03 3.64 -5.09
C THR A 210 -3.66 3.74 -5.77
N VAL A 211 -3.68 4.05 -7.06
CA VAL A 211 -2.44 4.29 -7.80
C VAL A 211 -2.56 5.58 -8.57
N ASP A 212 -1.43 6.21 -8.86
CA ASP A 212 -1.39 7.36 -9.78
C ASP A 212 -0.14 7.22 -10.68
N ALA A 213 -0.11 8.00 -11.75
CA ALA A 213 1.01 7.99 -12.69
C ALA A 213 1.33 9.40 -12.91
N LEU A 214 2.58 9.76 -12.67
CA LEU A 214 3.02 11.10 -13.01
C LEU A 214 3.84 10.91 -14.29
N VAL A 215 3.26 11.40 -15.40
CA VAL A 215 3.86 11.21 -16.72
C VAL A 215 4.33 12.54 -17.23
N ILE A 216 5.64 12.68 -17.39
CA ILE A 216 6.26 13.91 -17.88
C ILE A 216 6.92 13.73 -19.26
N VAL A 217 6.36 14.41 -20.25
CA VAL A 217 6.90 14.43 -21.61
C VAL A 217 7.31 15.87 -21.89
N ASN A 218 8.57 16.08 -22.30
CA ASN A 218 9.14 17.42 -22.58
C ASN A 218 8.72 18.53 -21.58
N ASP A 219 8.98 18.27 -20.30
CA ASP A 219 8.57 19.14 -19.18
C ASP A 219 7.08 19.50 -19.10
N HIS A 220 6.21 18.60 -19.58
CA HIS A 220 4.75 18.70 -19.39
C HIS A 220 4.23 17.52 -18.57
N ILE A 221 3.53 17.83 -17.48
CA ILE A 221 2.79 16.82 -16.71
C ILE A 221 1.42 16.54 -17.36
N LEU A 222 1.09 15.26 -17.48
CA LEU A 222 -0.24 14.85 -17.87
C LEU A 222 -1.12 14.92 -16.63
N MET A 223 -2.21 15.69 -16.71
CA MET A 223 -3.22 15.77 -15.64
C MET A 223 -4.65 15.66 -16.15
N VAL A 224 -5.46 14.87 -15.46
CA VAL A 224 -6.88 14.73 -15.73
C VAL A 224 -7.66 15.77 -14.90
N GLN A 225 -8.86 16.12 -15.36
CA GLN A 225 -9.78 16.92 -14.59
C GLN A 225 -10.90 16.00 -14.17
N ARG A 226 -11.23 16.03 -12.88
CA ARG A 226 -12.08 14.98 -12.30
C ARG A 226 -13.58 15.15 -12.54
N LYS A 227 -14.20 14.06 -12.99
CA LYS A 227 -15.65 14.00 -13.25
C LYS A 227 -16.44 13.77 -11.97
N ALA A 228 -15.91 12.93 -11.09
CA ALA A 228 -16.61 12.48 -9.91
C ALA A 228 -15.99 12.96 -8.59
N HIS A 229 -16.71 12.70 -7.49
CA HIS A 229 -16.24 12.99 -6.14
C HIS A 229 -15.23 11.95 -5.67
N PRO A 230 -14.30 12.34 -4.77
CA PRO A 230 -14.13 13.67 -4.20
C PRO A 230 -13.29 14.56 -5.12
N GLY A 231 -13.27 15.86 -4.83
CA GLY A 231 -12.48 16.77 -5.61
C GLY A 231 -12.95 16.89 -7.04
N LYS A 232 -14.27 16.90 -7.25
CA LYS A 232 -14.91 17.14 -8.56
C LYS A 232 -14.48 18.48 -9.19
N ASP A 233 -14.23 18.45 -10.49
CA ASP A 233 -13.70 19.59 -11.26
C ASP A 233 -12.26 19.98 -10.91
N LEU A 234 -11.63 19.22 -10.02
CA LEU A 234 -10.20 19.48 -9.76
C LEU A 234 -9.29 18.70 -10.70
N TRP A 235 -8.04 19.16 -10.73
CA TRP A 235 -6.99 18.54 -11.54
C TRP A 235 -6.24 17.51 -10.71
N ALA A 236 -5.96 16.35 -11.30
CA ALA A 236 -5.25 15.31 -10.56
C ALA A 236 -4.30 14.58 -11.49
N LEU A 237 -3.31 13.92 -10.94
CA LEU A 237 -2.63 12.86 -11.67
C LEU A 237 -3.63 11.77 -12.04
N PRO A 238 -3.50 11.19 -13.24
CA PRO A 238 -4.43 10.10 -13.55
C PRO A 238 -4.21 8.90 -12.64
N GLY A 239 -5.27 8.15 -12.30
CA GLY A 239 -5.17 7.17 -11.22
C GLY A 239 -6.50 6.71 -10.67
N GLY A 240 -6.45 5.73 -9.78
CA GLY A 240 -7.68 5.13 -9.28
C GLY A 240 -7.41 3.88 -8.50
N PHE A 241 -8.46 3.14 -8.21
CA PHE A 241 -8.37 2.06 -7.27
C PHE A 241 -7.59 0.91 -7.86
N LEU A 242 -6.78 0.30 -7.02
CA LEU A 242 -6.10 -0.94 -7.32
C LEU A 242 -7.09 -2.09 -7.19
N GLU A 243 -7.11 -2.95 -8.21
CA GLU A 243 -8.01 -4.10 -8.23
C GLU A 243 -7.27 -5.28 -7.66
N CYS A 244 -8.01 -6.33 -7.34
CA CYS A 244 -7.50 -7.44 -6.56
C CYS A 244 -6.65 -8.41 -7.35
N ASP A 245 -6.80 -8.37 -8.66
CA ASP A 245 -6.14 -9.39 -9.48
C ASP A 245 -4.93 -8.82 -10.22
N GLU A 246 -4.56 -7.59 -9.92
CA GLU A 246 -3.42 -6.94 -10.60
C GLU A 246 -2.35 -6.45 -9.62
N THR A 247 -1.10 -6.50 -10.06
CA THR A 247 -0.05 -5.79 -9.33
C THR A 247 -0.27 -4.27 -9.39
N ILE A 248 0.48 -3.57 -8.55
CA ILE A 248 0.49 -2.11 -8.50
C ILE A 248 1.07 -1.49 -9.77
N ALA A 249 2.18 -2.07 -10.26
CA ALA A 249 2.77 -1.68 -11.55
C ALA A 249 1.75 -1.74 -12.69
N GLN A 250 0.97 -2.81 -12.75
CA GLN A 250 -0.08 -2.98 -13.78
C GLN A 250 -1.22 -1.99 -13.63
N ALA A 251 -1.66 -1.79 -12.37
CA ALA A 251 -2.71 -0.87 -12.02
C ALA A 251 -2.39 0.53 -12.45
N ILE A 252 -1.15 0.95 -12.22
CA ILE A 252 -0.70 2.30 -12.54
C ILE A 252 -0.86 2.54 -14.05
N ILE A 253 -0.50 1.54 -14.87
CA ILE A 253 -0.60 1.63 -16.32
C ILE A 253 -2.06 1.48 -16.77
N ARG A 254 -2.79 0.52 -16.21
CA ARG A 254 -4.22 0.35 -16.57
C ARG A 254 -5.05 1.64 -16.41
N GLU A 255 -4.90 2.36 -15.28
CA GLU A 255 -5.65 3.59 -15.00
C GLU A 255 -5.21 4.77 -15.86
N LEU A 256 -3.91 4.88 -16.09
CA LEU A 256 -3.35 5.82 -17.09
C LEU A 256 -4.06 5.68 -18.45
N PHE A 257 -4.06 4.49 -19.05
CA PHE A 257 -4.73 4.28 -20.32
C PHE A 257 -6.22 4.57 -20.27
N GLU A 258 -6.93 3.98 -19.30
CA GLU A 258 -8.38 4.22 -19.12
C GLU A 258 -8.82 5.66 -19.10
N GLU A 259 -8.01 6.57 -18.56
CA GLU A 259 -8.47 7.94 -18.29
C GLU A 259 -7.97 8.96 -19.31
N THR A 260 -6.83 8.65 -19.90
CA THR A 260 -6.15 9.56 -20.80
C THR A 260 -5.99 8.99 -22.23
N ASN A 261 -6.21 7.68 -22.41
CA ASN A 261 -5.91 6.99 -23.70
C ASN A 261 -4.57 7.41 -24.35
N ILE A 262 -3.60 7.76 -23.52
CA ILE A 262 -2.28 8.21 -23.95
C ILE A 262 -1.71 7.35 -25.12
N ASN A 263 -1.25 8.02 -26.18
CA ASN A 263 -0.70 7.23 -27.32
C ASN A 263 0.77 6.94 -27.06
N LEU A 264 0.99 5.89 -26.27
CA LEU A 264 2.30 5.39 -25.91
C LEU A 264 2.05 3.91 -25.70
N THR A 265 3.14 3.12 -25.65
CA THR A 265 3.03 1.67 -25.52
C THR A 265 3.48 1.27 -24.12
N HIS A 266 3.16 0.04 -23.72
CA HIS A 266 3.56 -0.50 -22.43
C HIS A 266 5.06 -0.52 -22.26
N GLU A 267 5.78 -0.99 -23.29
CA GLU A 267 7.25 -1.00 -23.25
C GLU A 267 7.86 0.40 -23.25
N GLN A 268 7.20 1.36 -23.89
CA GLN A 268 7.69 2.73 -23.85
C GLN A 268 7.60 3.40 -22.48
N LEU A 269 6.57 3.05 -21.72
CA LEU A 269 6.38 3.52 -20.34
C LEU A 269 7.31 2.74 -19.39
N ALA A 270 7.47 1.45 -19.62
CA ALA A 270 8.40 0.65 -18.80
C ALA A 270 9.83 1.18 -18.87
N ILE A 271 10.21 1.70 -20.05
CA ILE A 271 11.54 2.30 -20.26
C ILE A 271 11.61 3.68 -19.59
N ALA A 272 10.52 4.45 -19.71
CA ALA A 272 10.42 5.79 -19.09
C ALA A 272 10.27 5.84 -17.55
N LYS A 273 9.95 4.70 -16.93
CA LYS A 273 9.69 4.63 -15.49
C LYS A 273 10.93 4.85 -14.62
N ARG A 274 10.87 5.88 -13.76
CA ARG A 274 11.96 6.23 -12.83
C ARG A 274 11.85 5.56 -11.45
N CYS A 275 10.63 5.37 -10.96
CA CYS A 275 10.36 4.96 -9.56
C CYS A 275 8.86 4.90 -9.25
N GLU A 276 8.53 4.28 -8.12
CA GLU A 276 7.22 4.37 -7.48
C GLU A 276 7.42 4.94 -6.09
N LYS A 277 6.50 5.76 -5.63
CA LYS A 277 6.55 6.20 -4.25
C LYS A 277 5.20 5.99 -3.63
N VAL A 278 5.20 5.73 -2.33
CA VAL A 278 4.00 5.52 -1.54
C VAL A 278 3.63 6.79 -0.77
N PHE A 279 2.37 7.22 -0.84
CA PHE A 279 1.89 8.37 -0.08
C PHE A 279 0.80 7.94 0.94
N ASP A 280 1.13 8.03 2.21
CA ASP A 280 0.36 7.39 3.30
C ASP A 280 0.00 8.31 4.48
N TYR A 281 -0.02 9.63 4.27
CA TYR A 281 -0.53 10.55 5.31
C TYR A 281 -2.01 10.14 5.61
N PRO A 282 -2.34 9.74 6.85
CA PRO A 282 -3.68 9.14 7.03
C PRO A 282 -4.90 10.04 6.65
N ASP A 283 -4.80 11.35 6.84
CA ASP A 283 -5.90 12.24 6.45
C ASP A 283 -5.79 12.87 5.05
N ARG A 284 -5.05 12.26 4.13
CA ARG A 284 -4.90 12.85 2.79
C ARG A 284 -6.20 12.86 1.97
N SER A 285 -7.04 11.85 2.12
CA SER A 285 -8.28 11.84 1.39
C SER A 285 -9.49 11.83 2.33
N VAL A 286 -10.50 12.61 1.98
CA VAL A 286 -11.82 12.64 2.67
C VAL A 286 -12.65 11.35 2.67
N ARG A 287 -12.42 10.42 1.73
CA ARG A 287 -13.20 9.17 1.67
C ARG A 287 -13.03 8.28 2.88
N GLY A 288 -11.87 8.38 3.52
CA GLY A 288 -11.40 7.39 4.49
C GLY A 288 -9.93 7.23 4.23
N ARG A 289 -9.27 6.30 4.89
CA ARG A 289 -7.80 6.22 4.84
C ARG A 289 -7.35 5.62 3.52
N THR A 290 -6.70 6.42 2.69
CA THR A 290 -6.35 6.01 1.31
C THR A 290 -4.87 6.20 1.09
N ILE A 291 -4.20 5.11 0.75
CA ILE A 291 -2.76 5.12 0.45
C ILE A 291 -2.59 5.10 -1.07
N SER A 292 -1.70 5.93 -1.57
CA SER A 292 -1.44 5.93 -2.99
C SER A 292 0.00 5.57 -3.39
N HIS A 293 0.12 4.74 -4.42
CA HIS A 293 1.40 4.39 -5.01
C HIS A 293 1.48 5.07 -6.38
N VAL A 294 2.48 5.93 -6.56
CA VAL A 294 2.74 6.76 -7.78
C VAL A 294 4.21 6.46 -8.25
N GLY A 295 4.54 5.92 -9.42
CA GLY A 295 4.04 6.17 -10.74
C GLY A 295 4.79 7.34 -11.42
N LEU A 296 6.14 7.36 -11.42
CA LEU A 296 6.89 8.42 -12.16
C LEU A 296 7.50 7.97 -13.51
N PHE A 297 7.14 8.66 -14.59
CA PHE A 297 7.55 8.30 -15.96
C PHE A 297 8.05 9.56 -16.66
N VAL A 298 9.30 9.52 -17.11
CA VAL A 298 9.98 10.71 -17.69
C VAL A 298 10.43 10.48 -19.14
N PHE A 299 9.88 11.28 -20.03
CA PHE A 299 10.23 11.31 -21.45
C PHE A 299 10.90 12.62 -21.81
N ASP A 300 12.21 12.58 -22.08
CA ASP A 300 12.99 13.76 -22.44
C ASP A 300 13.22 13.88 -23.96
N GLN A 301 13.31 15.13 -24.46
CA GLN A 301 13.55 15.39 -25.89
C GLN A 301 12.80 14.34 -26.75
N TRP A 302 11.46 14.34 -26.60
CA TRP A 302 10.55 13.42 -27.27
C TRP A 302 9.96 14.18 -28.49
N PRO A 303 9.74 13.51 -29.65
CA PRO A 303 9.34 14.23 -30.89
C PRO A 303 8.07 15.08 -30.78
N SER A 304 7.04 14.53 -30.12
CA SER A 304 5.83 15.31 -29.82
C SER A 304 5.18 14.85 -28.51
N LEU A 305 4.32 15.72 -27.95
CA LEU A 305 3.45 15.34 -26.81
C LEU A 305 2.40 14.33 -27.30
N PRO A 306 2.43 13.09 -26.75
CA PRO A 306 1.48 12.06 -27.17
C PRO A 306 0.03 12.52 -27.13
N GLU A 307 -0.77 11.93 -28.01
CA GLU A 307 -2.21 12.18 -28.08
C GLU A 307 -2.92 11.49 -26.92
N ILE A 308 -3.93 12.18 -26.41
CA ILE A 308 -4.65 11.82 -25.21
C ILE A 308 -6.15 12.11 -25.41
N ASN A 309 -7.02 11.30 -24.81
CA ASN A 309 -8.39 11.75 -24.60
C ASN A 309 -9.09 11.23 -23.33
N ALA A 310 -9.83 12.12 -22.69
CA ALA A 310 -10.60 11.86 -21.47
C ALA A 310 -11.61 10.72 -21.59
N ALA A 311 -11.57 9.80 -20.62
CA ALA A 311 -12.55 8.72 -20.48
C ALA A 311 -12.68 8.29 -18.99
N ASP A 312 -13.56 7.33 -18.71
CA ASP A 312 -13.91 6.93 -17.34
C ASP A 312 -14.15 8.17 -16.48
N ASP A 313 -13.50 8.27 -15.33
CA ASP A 313 -13.79 9.38 -14.42
C ASP A 313 -13.04 10.70 -14.71
N ALA A 314 -12.22 10.72 -15.76
CA ALA A 314 -11.67 11.98 -16.28
C ALA A 314 -12.61 12.68 -17.30
N LYS A 315 -13.02 13.92 -17.03
CA LYS A 315 -13.85 14.68 -18.00
C LYS A 315 -13.05 15.55 -18.96
N ASP A 316 -11.80 15.85 -18.58
CA ASP A 316 -10.82 16.52 -19.43
C ASP A 316 -9.45 15.95 -19.07
N VAL A 317 -8.50 16.16 -19.97
CA VAL A 317 -7.12 15.70 -19.81
C VAL A 317 -6.23 16.65 -20.59
N LYS A 318 -5.12 17.08 -19.99
CA LYS A 318 -4.25 18.09 -20.58
C LYS A 318 -2.78 17.91 -20.21
N TRP A 319 -1.90 18.32 -21.13
CA TRP A 319 -0.44 18.43 -20.92
C TRP A 319 -0.21 19.78 -20.30
N ILE A 320 0.44 19.82 -19.14
CA ILE A 320 0.60 21.10 -18.45
C ILE A 320 2.09 21.31 -18.23
N SER A 321 2.62 22.37 -18.81
CA SER A 321 4.05 22.62 -18.69
C SER A 321 4.39 22.95 -17.25
N LEU A 322 5.54 22.41 -16.82
CA LEU A 322 6.17 22.70 -15.53
C LEU A 322 6.45 24.18 -15.42
N GLY A 323 6.75 24.62 -14.20
CA GLY A 323 7.00 26.03 -13.95
C GLY A 323 5.69 26.77 -13.76
N SER A 324 5.41 27.69 -14.68
CA SER A 324 4.34 28.67 -14.52
C SER A 324 2.93 28.11 -14.52
N ASN A 325 2.59 27.29 -15.52
CA ASN A 325 1.25 26.72 -15.66
C ASN A 325 0.88 25.71 -14.58
N ILE A 326 1.87 25.17 -13.88
CA ILE A 326 1.64 24.22 -12.79
C ILE A 326 1.36 24.93 -11.45
N LYS A 327 2.14 25.96 -11.13
CA LYS A 327 1.90 26.74 -9.88
C LYS A 327 0.57 27.48 -9.98
N ASN A 328 0.19 27.76 -11.22
CA ASN A 328 -1.07 28.42 -11.62
C ASN A 328 -2.31 27.67 -11.15
N ILE A 329 -2.33 26.37 -11.42
CA ILE A 329 -3.38 25.49 -10.90
C ILE A 329 -2.98 24.80 -9.60
N CYS A 330 -2.01 25.35 -8.85
CA CYS A 330 -1.53 24.68 -7.64
C CYS A 330 -2.58 24.50 -6.54
N ASP A 331 -3.54 25.43 -6.51
CA ASP A 331 -4.66 25.41 -5.59
C ASP A 331 -5.94 24.92 -6.25
N ARG A 332 -5.78 24.15 -7.33
CA ARG A 332 -6.90 23.58 -8.08
C ARG A 332 -6.72 22.08 -8.27
N MET A 333 -5.82 21.52 -7.47
CA MET A 333 -5.48 20.10 -7.49
C MET A 333 -6.18 19.24 -6.41
N LEU A 334 -6.40 17.98 -6.76
CA LEU A 334 -6.92 16.98 -5.85
C LEU A 334 -6.00 16.73 -4.67
N GLU A 335 -6.57 16.75 -3.47
CA GLU A 335 -5.90 16.28 -2.24
C GLU A 335 -4.43 16.71 -2.28
N ASP A 336 -3.49 15.77 -2.09
CA ASP A 336 -2.09 16.14 -1.94
C ASP A 336 -1.20 16.02 -3.21
N HIS A 337 -1.82 16.06 -4.37
CA HIS A 337 -1.13 15.84 -5.63
C HIS A 337 -0.07 16.88 -5.92
N TYR A 338 -0.29 18.12 -5.47
CA TYR A 338 0.71 19.14 -5.60
C TYR A 338 2.01 18.72 -4.88
N GLN A 339 1.86 18.32 -3.61
CA GLN A 339 2.97 17.77 -2.82
C GLN A 339 3.59 16.54 -3.49
N ILE A 340 2.78 15.66 -4.09
CA ILE A 340 3.26 14.43 -4.73
C ILE A 340 4.12 14.76 -5.96
N ILE A 341 3.64 15.67 -6.79
CA ILE A 341 4.38 16.18 -7.93
C ILE A 341 5.72 16.82 -7.51
N THR A 342 5.68 17.67 -6.50
CA THR A 342 6.88 18.33 -5.99
C THR A 342 7.96 17.34 -5.56
N ILE A 343 7.57 16.39 -4.69
CA ILE A 343 8.40 15.28 -4.22
C ILE A 343 8.95 14.37 -5.30
N LEU A 344 8.11 13.94 -6.23
CA LEU A 344 8.61 13.08 -7.31
C LEU A 344 9.55 13.76 -8.30
N LEU A 345 9.37 15.06 -8.50
CA LEU A 345 10.31 15.84 -9.31
C LEU A 345 11.68 16.00 -8.61
N GLU A 346 11.68 16.33 -7.33
CA GLU A 346 12.93 16.48 -6.59
C GLU A 346 13.70 15.16 -6.45
N GLU A 347 13.02 14.10 -6.01
CA GLU A 347 13.70 12.87 -5.57
C GLU A 347 13.86 11.79 -6.63
N CYS A 348 13.20 11.94 -7.77
CA CYS A 348 13.24 10.88 -8.77
C CYS A 348 13.61 11.41 -10.17
N GLY A 349 13.23 12.66 -10.45
CA GLY A 349 13.38 13.25 -11.77
C GLY A 349 14.42 14.37 -11.84
N MET B 6 8.70 -36.85 -32.68
CA MET B 6 9.17 -35.67 -33.48
C MET B 6 10.20 -34.84 -32.68
N TYR B 7 9.77 -34.12 -31.63
CA TYR B 7 10.70 -33.34 -30.77
C TYR B 7 11.52 -34.27 -29.88
N ASP B 8 12.75 -33.87 -29.57
CA ASP B 8 13.55 -34.64 -28.61
C ASP B 8 13.00 -34.50 -27.20
N ILE B 9 12.43 -33.32 -26.90
CA ILE B 9 12.08 -32.87 -25.54
C ILE B 9 10.80 -32.02 -25.52
N SER B 10 9.82 -32.44 -24.72
CA SER B 10 8.71 -31.56 -24.31
C SER B 10 8.89 -30.99 -22.88
N VAL B 11 8.63 -29.69 -22.73
CA VAL B 11 8.69 -29.00 -21.44
C VAL B 11 7.30 -28.79 -20.83
N PHE B 12 7.04 -29.40 -19.68
CA PHE B 12 5.71 -29.38 -19.08
C PHE B 12 5.70 -28.74 -17.68
N ILE B 13 4.95 -27.65 -17.51
CA ILE B 13 4.96 -26.91 -16.24
C ILE B 13 3.61 -26.90 -15.52
N GLY B 14 3.61 -27.36 -14.26
CA GLY B 14 2.40 -27.27 -13.44
C GLY B 14 2.63 -27.24 -11.94
N ARG B 15 1.54 -26.99 -11.21
CA ARG B 15 1.55 -27.05 -9.74
C ARG B 15 1.26 -28.45 -9.26
N PHE B 16 0.29 -29.12 -9.87
CA PHE B 16 -0.04 -30.52 -9.55
C PHE B 16 -0.44 -30.68 -8.07
N GLN B 17 -1.44 -29.89 -7.66
CA GLN B 17 -1.93 -29.84 -6.27
C GLN B 17 -3.45 -30.20 -6.17
N PRO B 18 -3.83 -31.47 -6.47
CA PRO B 18 -3.04 -32.64 -6.92
C PRO B 18 -2.92 -32.85 -8.44
N PHE B 19 -2.12 -33.87 -8.78
CA PHE B 19 -2.03 -34.42 -10.14
C PHE B 19 -3.37 -35.06 -10.54
N HIS B 20 -3.84 -34.78 -11.75
CA HIS B 20 -5.10 -35.37 -12.21
C HIS B 20 -5.09 -35.91 -13.65
N LYS B 21 -6.25 -36.40 -14.12
CA LYS B 21 -6.46 -36.91 -15.48
C LYS B 21 -6.23 -35.86 -16.55
N GLY B 22 -6.61 -34.61 -16.27
CA GLY B 22 -6.31 -33.48 -17.13
C GLY B 22 -4.80 -33.32 -17.35
N HIS B 23 -4.02 -33.64 -16.32
CA HIS B 23 -2.57 -33.62 -16.43
C HIS B 23 -2.05 -34.85 -17.19
N LEU B 24 -2.64 -36.02 -16.95
CA LEU B 24 -2.22 -37.26 -17.63
C LEU B 24 -2.43 -37.23 -19.14
N HIS B 25 -3.48 -36.54 -19.59
CA HIS B 25 -3.81 -36.48 -21.01
C HIS B 25 -2.95 -35.45 -21.75
N ASN B 26 -2.57 -34.39 -21.05
CA ASN B 26 -1.65 -33.38 -21.58
C ASN B 26 -0.21 -33.89 -21.74
N ILE B 27 0.24 -34.70 -20.77
CA ILE B 27 1.53 -35.39 -20.83
C ILE B 27 1.56 -36.41 -21.97
N ILE B 28 0.38 -36.98 -22.24
CA ILE B 28 0.18 -37.96 -23.30
C ILE B 28 0.22 -37.33 -24.71
N ILE B 29 -0.40 -36.15 -24.85
CA ILE B 29 -0.26 -35.34 -26.08
C ILE B 29 1.21 -34.98 -26.33
N ALA B 30 1.92 -34.60 -25.27
CA ALA B 30 3.33 -34.24 -25.33
C ALA B 30 4.26 -35.43 -25.60
N LEU B 31 3.87 -36.63 -25.14
CA LEU B 31 4.66 -37.84 -25.40
C LEU B 31 4.41 -38.48 -26.80
N GLN B 32 3.40 -37.99 -27.50
CA GLN B 32 3.26 -38.29 -28.94
C GLN B 32 3.63 -37.05 -29.76
N ASN B 33 4.48 -36.20 -29.19
CA ASN B 33 5.05 -35.07 -29.92
C ASN B 33 6.53 -34.92 -29.61
N SER B 34 7.06 -35.87 -28.82
CA SER B 34 8.40 -35.78 -28.24
C SER B 34 8.80 -37.13 -27.64
N LYS B 35 10.11 -37.36 -27.52
CA LYS B 35 10.62 -38.62 -26.97
C LYS B 35 10.74 -38.62 -25.45
N LYS B 36 11.05 -37.46 -24.88
CA LYS B 36 11.17 -37.28 -23.44
C LYS B 36 10.36 -36.06 -23.00
N VAL B 37 9.71 -36.18 -21.84
CA VAL B 37 9.05 -35.03 -21.16
C VAL B 37 9.83 -34.61 -19.90
N ILE B 38 10.08 -33.31 -19.77
CA ILE B 38 10.56 -32.74 -18.50
C ILE B 38 9.35 -32.12 -17.84
N ILE B 39 8.93 -32.70 -16.70
CA ILE B 39 7.84 -32.09 -15.90
C ILE B 39 8.43 -31.15 -14.84
N ASN B 40 8.05 -29.88 -14.93
CA ASN B 40 8.49 -28.87 -13.96
C ASN B 40 7.38 -28.50 -12.98
N ILE B 41 7.58 -28.88 -11.71
CA ILE B 41 6.64 -28.60 -10.64
C ILE B 41 6.93 -27.20 -10.03
N GLY B 42 6.00 -26.29 -10.24
CA GLY B 42 6.10 -24.95 -9.68
C GLY B 42 5.76 -24.92 -8.19
N SER B 43 6.26 -23.88 -7.51
CA SER B 43 5.93 -23.62 -6.09
C SER B 43 6.43 -24.67 -5.13
N CYS B 44 7.74 -24.92 -5.13
CA CYS B 44 8.32 -25.92 -4.25
C CYS B 44 9.09 -25.20 -3.18
N PHE B 45 9.43 -25.95 -2.13
CA PHE B 45 10.26 -25.50 -1.03
C PHE B 45 9.52 -24.51 -0.11
N ASN B 46 8.19 -24.57 -0.16
CA ASN B 46 7.31 -23.88 0.78
C ASN B 46 6.69 -24.84 1.79
N THR B 47 6.29 -24.30 2.92
CA THR B 47 5.52 -25.10 3.83
C THR B 47 4.10 -25.33 3.28
N PRO B 48 3.45 -26.41 3.74
CA PRO B 48 2.06 -26.65 3.28
C PRO B 48 1.08 -25.53 3.72
N ASN B 49 0.31 -25.05 2.77
CA ASN B 49 -0.81 -24.18 2.98
C ASN B 49 -1.98 -24.76 2.14
N ILE B 50 -3.16 -24.19 2.29
CA ILE B 50 -4.39 -24.72 1.65
C ILE B 50 -4.32 -24.79 0.11
N LYS B 51 -3.71 -23.79 -0.54
CA LYS B 51 -3.53 -23.80 -2.00
C LYS B 51 -2.38 -24.68 -2.43
N ASN B 52 -1.38 -24.85 -1.54
CA ASN B 52 -0.29 -25.82 -1.75
C ASN B 52 -0.08 -26.91 -0.67
N PRO B 53 -1.01 -27.90 -0.57
CA PRO B 53 -0.90 -28.93 0.45
C PRO B 53 0.32 -29.84 0.37
N PHE B 54 0.80 -30.19 -0.82
CA PHE B 54 1.90 -31.20 -0.93
C PHE B 54 3.30 -30.66 -1.31
N SER B 55 4.32 -31.33 -0.82
CA SER B 55 5.70 -30.98 -1.06
C SER B 55 6.14 -31.40 -2.47
N PHE B 56 7.35 -31.00 -2.88
CA PHE B 56 7.95 -31.51 -4.14
C PHE B 56 8.01 -33.05 -4.16
N GLU B 57 8.55 -33.68 -3.11
CA GLU B 57 8.75 -35.14 -3.07
C GLU B 57 7.44 -35.93 -3.18
N GLN B 58 6.42 -35.48 -2.47
CA GLN B 58 5.09 -36.09 -2.54
C GLN B 58 4.42 -35.95 -3.90
N ARG B 59 4.55 -34.78 -4.54
CA ARG B 59 3.96 -34.57 -5.85
C ARG B 59 4.72 -35.34 -6.94
N LYS B 60 6.04 -35.46 -6.78
CA LYS B 60 6.92 -36.17 -7.70
C LYS B 60 6.55 -37.63 -7.67
N GLN B 61 6.46 -38.17 -6.46
CA GLN B 61 5.96 -39.52 -6.20
C GLN B 61 4.58 -39.73 -6.81
N MET B 62 3.59 -38.95 -6.39
CA MET B 62 2.25 -38.97 -6.96
C MET B 62 2.25 -39.03 -8.47
N ILE B 63 3.08 -38.23 -9.13
CA ILE B 63 3.14 -38.19 -10.61
C ILE B 63 3.66 -39.51 -11.23
N GLU B 64 4.79 -39.99 -10.70
CA GLU B 64 5.43 -41.22 -11.14
C GLU B 64 4.51 -42.45 -11.02
N SER B 65 3.93 -42.64 -9.84
CA SER B 65 3.05 -43.75 -9.59
C SER B 65 1.73 -43.62 -10.35
N ASP B 66 1.34 -42.40 -10.73
CA ASP B 66 0.19 -42.22 -11.64
C ASP B 66 0.54 -42.54 -13.08
N LEU B 67 1.71 -42.10 -13.54
CA LEU B 67 2.17 -42.42 -14.89
C LEU B 67 2.43 -43.93 -15.04
N GLN B 68 2.91 -44.55 -13.97
CA GLN B 68 3.24 -45.98 -13.95
C GLN B 68 2.00 -46.84 -14.16
N VAL B 69 0.83 -46.20 -14.22
CA VAL B 69 -0.44 -46.88 -14.45
C VAL B 69 -1.16 -46.30 -15.70
N ALA B 70 -1.07 -47.05 -16.80
CA ALA B 70 -1.63 -46.69 -18.14
C ALA B 70 -1.16 -45.35 -18.75
N GLY B 71 0.05 -45.29 -19.30
CA GLY B 71 0.99 -46.42 -19.49
C GLY B 71 1.90 -46.69 -18.32
N ILE B 72 3.10 -46.09 -18.25
CA ILE B 72 3.79 -45.27 -19.28
C ILE B 72 5.29 -45.43 -18.95
N ASP B 73 6.14 -45.59 -19.96
CA ASP B 73 7.60 -45.73 -19.76
C ASP B 73 8.17 -44.57 -18.90
N LEU B 74 8.82 -44.93 -17.80
CA LEU B 74 9.33 -43.96 -16.83
C LEU B 74 10.72 -43.46 -17.22
N ASP B 75 11.29 -44.11 -18.24
CA ASP B 75 12.58 -43.71 -18.82
C ASP B 75 12.44 -42.51 -19.74
N THR B 76 11.20 -42.22 -20.14
CA THR B 76 10.90 -41.17 -21.10
C THR B 76 10.44 -39.89 -20.37
N VAL B 77 10.51 -39.95 -19.03
CA VAL B 77 9.95 -38.94 -18.13
C VAL B 77 10.98 -38.46 -17.08
N VAL B 78 11.12 -37.15 -17.00
CA VAL B 78 11.90 -36.54 -15.92
C VAL B 78 11.15 -35.40 -15.16
N ILE B 79 11.39 -35.33 -13.86
CA ILE B 79 10.72 -34.38 -12.95
C ILE B 79 11.73 -33.48 -12.23
N GLU B 80 11.52 -32.17 -12.34
CA GLU B 80 12.40 -31.17 -11.68
C GLU B 80 11.55 -30.07 -10.94
N PRO B 81 12.06 -29.57 -9.81
CA PRO B 81 11.36 -28.56 -8.98
C PRO B 81 11.65 -27.10 -9.34
N LEU B 82 10.66 -26.22 -9.13
CA LEU B 82 10.86 -24.80 -9.21
C LEU B 82 10.33 -24.14 -7.94
N ALA B 83 11.14 -23.23 -7.41
CA ALA B 83 10.77 -22.36 -6.35
C ALA B 83 9.88 -21.22 -6.88
N ASP B 84 9.25 -20.50 -5.97
CA ASP B 84 8.48 -19.30 -6.32
C ASP B 84 9.47 -18.12 -6.36
N TYR B 85 9.27 -17.28 -7.36
CA TYR B 85 9.97 -16.01 -7.47
C TYR B 85 8.99 -14.97 -8.00
N PHE B 86 8.00 -14.60 -7.18
CA PHE B 86 6.93 -13.68 -7.60
C PHE B 86 7.44 -12.29 -7.98
N TYR B 87 8.61 -11.88 -7.48
CA TYR B 87 9.09 -10.52 -7.66
C TYR B 87 10.41 -10.48 -8.46
N GLN B 88 10.91 -11.64 -8.86
CA GLN B 88 12.18 -11.78 -9.58
C GLN B 88 12.04 -12.83 -10.68
N GLU B 89 11.27 -12.51 -11.71
CA GLU B 89 10.84 -13.47 -12.71
C GLU B 89 12.00 -14.03 -13.56
N GLN B 90 13.06 -13.22 -13.72
CA GLN B 90 14.25 -13.65 -14.42
C GLN B 90 14.84 -14.84 -13.72
N LYS B 91 14.85 -14.82 -12.37
CA LYS B 91 15.34 -15.96 -11.57
C LYS B 91 14.53 -17.20 -11.89
N TRP B 92 13.22 -17.07 -12.02
CA TRP B 92 12.34 -18.17 -12.30
C TRP B 92 12.62 -18.77 -13.71
N GLN B 93 12.70 -17.88 -14.69
CA GLN B 93 13.16 -18.17 -16.04
C GLN B 93 14.52 -18.87 -16.12
N ASP B 94 15.55 -18.31 -15.48
CA ASP B 94 16.84 -19.00 -15.38
C ASP B 94 16.75 -20.41 -14.80
N GLU B 95 15.84 -20.58 -13.83
CA GLU B 95 15.79 -21.79 -13.03
C GLU B 95 15.10 -22.87 -13.84
N LEU B 96 14.02 -22.51 -14.53
CA LEU B 96 13.40 -23.37 -15.55
C LEU B 96 14.41 -23.76 -16.67
N ARG B 97 15.13 -22.78 -17.22
CA ARG B 97 16.19 -23.01 -18.23
C ARG B 97 17.28 -23.94 -17.71
N LYS B 98 17.71 -23.73 -16.45
CA LYS B 98 18.60 -24.65 -15.77
C LYS B 98 18.06 -26.09 -15.75
N ASN B 99 16.81 -26.27 -15.34
CA ASN B 99 16.18 -27.61 -15.32
C ASN B 99 16.16 -28.30 -16.68
N VAL B 100 16.02 -27.51 -17.74
CA VAL B 100 15.88 -28.03 -19.09
C VAL B 100 17.26 -28.32 -19.72
N TYR B 101 18.20 -27.38 -19.58
CA TYR B 101 19.57 -27.52 -20.06
C TYR B 101 20.25 -28.77 -19.50
N LYS B 102 19.88 -29.11 -18.26
CA LYS B 102 20.26 -30.34 -17.57
C LYS B 102 19.93 -31.63 -18.34
N HIS B 103 18.88 -31.59 -19.16
CA HIS B 103 18.36 -32.77 -19.87
C HIS B 103 18.34 -32.64 -21.39
N ALA B 104 18.95 -31.58 -21.92
CA ALA B 104 18.83 -31.22 -23.33
C ALA B 104 19.94 -30.25 -23.74
N LYS B 105 21.16 -30.75 -23.75
CA LYS B 105 22.33 -29.95 -24.10
C LYS B 105 23.17 -30.60 -25.23
N ASN B 106 22.51 -31.30 -26.15
CA ASN B 106 23.17 -31.88 -27.34
C ASN B 106 22.38 -31.52 -28.62
N ASN B 107 22.28 -30.21 -28.90
CA ASN B 107 21.22 -29.65 -29.77
C ASN B 107 19.98 -30.56 -29.94
N ASN B 108 19.27 -30.69 -28.82
CA ASN B 108 18.02 -31.39 -28.77
C ASN B 108 16.92 -30.44 -29.21
N SER B 109 15.90 -31.02 -29.84
CA SER B 109 14.70 -30.31 -30.26
C SER B 109 13.79 -30.09 -29.03
N ILE B 110 13.45 -28.82 -28.71
CA ILE B 110 12.66 -28.50 -27.48
C ILE B 110 11.30 -27.76 -27.69
N ALA B 111 10.21 -28.29 -27.10
CA ALA B 111 8.90 -27.63 -27.11
C ALA B 111 8.16 -27.54 -25.76
N ILE B 112 7.60 -26.36 -25.46
CA ILE B 112 6.78 -26.16 -24.26
C ILE B 112 5.35 -26.54 -24.57
N VAL B 113 4.84 -27.51 -23.83
CA VAL B 113 3.45 -27.96 -23.97
C VAL B 113 2.61 -27.28 -22.88
N GLY B 114 1.61 -26.51 -23.32
CA GLY B 114 0.73 -25.77 -22.41
C GLY B 114 -0.60 -25.40 -23.04
N SER B 119 -1.41 -19.93 -18.51
CA SER B 119 -0.46 -18.86 -18.81
C SER B 119 0.34 -19.17 -20.08
N SER B 120 -0.38 -19.40 -21.18
CA SER B 120 0.21 -19.77 -22.47
C SER B 120 1.06 -18.67 -23.11
N SER B 121 0.73 -17.42 -22.81
CA SER B 121 1.36 -16.24 -23.39
C SER B 121 2.68 -15.88 -22.70
N TYR B 122 2.72 -16.01 -21.38
CA TYR B 122 3.94 -15.80 -20.61
C TYR B 122 5.06 -16.73 -21.12
N TYR B 123 4.73 -18.01 -21.35
CA TYR B 123 5.72 -19.01 -21.84
C TYR B 123 6.18 -18.75 -23.26
N ILE B 124 5.27 -18.24 -24.09
CA ILE B 124 5.59 -17.82 -25.47
C ILE B 124 6.51 -16.58 -25.48
N ARG B 125 6.24 -15.60 -24.61
CA ARG B 125 7.08 -14.42 -24.50
C ARG B 125 8.43 -14.74 -23.86
N SER B 126 8.38 -15.49 -22.76
CA SER B 126 9.56 -15.83 -21.96
C SER B 126 10.53 -16.80 -22.63
N PHE B 127 10.02 -17.73 -23.44
CA PHE B 127 10.89 -18.75 -24.01
C PHE B 127 10.83 -18.95 -25.55
N PRO B 128 11.25 -17.91 -26.34
CA PRO B 128 11.39 -17.96 -27.80
C PRO B 128 12.25 -19.13 -28.31
N GLU B 129 13.28 -19.51 -27.56
CA GLU B 129 14.13 -20.67 -27.86
C GLU B 129 13.32 -21.95 -28.11
N TRP B 130 12.15 -22.06 -27.48
CA TRP B 130 11.33 -23.28 -27.57
C TRP B 130 10.02 -23.07 -28.35
N ASP B 131 9.53 -24.16 -28.94
CA ASP B 131 8.25 -24.17 -29.66
C ASP B 131 7.10 -24.38 -28.68
N TYR B 132 5.93 -23.79 -28.96
CA TYR B 132 4.80 -23.95 -28.07
C TYR B 132 3.70 -24.85 -28.60
N ILE B 133 3.60 -26.07 -28.06
CA ILE B 133 2.49 -26.97 -28.35
C ILE B 133 1.31 -26.60 -27.45
N GLY B 134 0.26 -26.05 -28.03
CA GLY B 134 -0.92 -25.66 -27.27
C GLY B 134 -1.88 -26.81 -27.04
N VAL B 135 -2.47 -26.85 -25.84
CA VAL B 135 -3.46 -27.89 -25.52
C VAL B 135 -4.70 -27.31 -24.81
N ASP B 136 -5.83 -27.32 -25.53
CA ASP B 136 -7.15 -27.11 -24.90
C ASP B 136 -7.68 -28.47 -24.44
N ASN B 137 -8.12 -28.52 -23.19
CA ASN B 137 -8.46 -29.76 -22.50
C ASN B 137 -9.95 -30.13 -22.65
N TYR B 138 -10.52 -30.70 -21.59
CA TYR B 138 -11.95 -31.08 -21.56
C TYR B 138 -12.79 -30.17 -20.64
N LYS B 139 -13.80 -30.75 -19.99
CA LYS B 139 -14.53 -30.08 -18.92
C LYS B 139 -13.52 -29.63 -17.86
N ASN B 140 -13.69 -28.40 -17.38
CA ASN B 140 -12.67 -27.75 -16.55
C ASN B 140 -12.36 -28.44 -15.22
N PHE B 141 -11.28 -29.24 -15.23
CA PHE B 141 -10.68 -29.81 -14.01
C PHE B 141 -10.18 -28.65 -13.12
N ASN B 142 -10.97 -28.34 -12.10
CA ASN B 142 -10.71 -27.19 -11.23
C ASN B 142 -10.00 -27.63 -9.93
N ALA B 143 -8.76 -27.18 -9.76
CA ALA B 143 -7.91 -27.60 -8.62
C ALA B 143 -8.39 -27.09 -7.27
N THR B 144 -8.96 -25.88 -7.25
CA THR B 144 -9.61 -25.31 -6.05
C THR B 144 -10.81 -26.15 -5.60
N GLU B 145 -11.74 -26.43 -6.52
CA GLU B 145 -12.92 -27.26 -6.24
C GLU B 145 -12.51 -28.62 -5.68
N PHE B 146 -11.50 -29.23 -6.30
CA PHE B 146 -10.97 -30.51 -5.82
C PHE B 146 -10.49 -30.41 -4.40
N ARG B 147 -9.67 -29.39 -4.13
CA ARG B 147 -9.06 -29.19 -2.81
C ARG B 147 -10.09 -28.84 -1.74
N GLN B 148 -11.11 -28.06 -2.08
CA GLN B 148 -12.17 -27.69 -1.10
C GLN B 148 -13.02 -28.88 -0.71
N LYS B 149 -13.31 -29.78 -1.66
CA LYS B 149 -13.98 -31.05 -1.34
C LYS B 149 -13.08 -31.94 -0.51
N PHE B 150 -11.78 -31.95 -0.81
CA PHE B 150 -10.77 -32.70 -0.06
C PHE B 150 -10.64 -32.30 1.43
N TYR B 151 -10.72 -31.00 1.72
CA TYR B 151 -10.70 -30.53 3.11
C TYR B 151 -12.05 -30.78 3.82
N ASN B 152 -13.02 -31.24 3.03
CA ASN B 152 -14.33 -31.69 3.47
C ASN B 152 -14.47 -33.21 3.53
N GLY B 153 -13.39 -33.94 3.23
CA GLY B 153 -13.35 -35.41 3.28
C GLY B 153 -13.67 -36.13 1.97
N ILE B 154 -13.67 -35.41 0.86
CA ILE B 154 -14.05 -36.03 -0.40
C ILE B 154 -12.93 -35.98 -1.45
N ILE B 155 -12.43 -37.15 -1.80
CA ILE B 155 -11.56 -37.29 -2.98
C ILE B 155 -12.51 -37.43 -4.17
N SER B 156 -12.33 -36.57 -5.18
CA SER B 156 -13.14 -36.65 -6.37
C SER B 156 -12.50 -37.62 -7.39
N LYS B 157 -13.03 -38.85 -7.41
CA LYS B 157 -12.48 -39.96 -8.22
C LYS B 157 -12.49 -39.73 -9.74
N GLN B 158 -13.28 -38.74 -10.18
CA GLN B 158 -13.32 -38.34 -11.59
C GLN B 158 -12.08 -37.54 -12.00
N TYR B 159 -11.34 -37.04 -11.01
CA TYR B 159 -10.07 -36.35 -11.22
C TYR B 159 -8.95 -37.37 -11.22
N MET B 160 -9.17 -38.44 -10.48
CA MET B 160 -8.12 -39.42 -10.24
C MET B 160 -7.72 -40.19 -11.51
N CYS B 161 -6.43 -40.43 -11.66
CA CYS B 161 -5.92 -41.25 -12.75
C CYS B 161 -6.39 -42.69 -12.53
N SER B 162 -6.23 -43.16 -11.29
CA SER B 162 -6.63 -44.49 -10.89
C SER B 162 -8.12 -44.57 -10.54
N ASN B 163 -8.60 -45.80 -10.32
CA ASN B 163 -9.95 -46.06 -9.84
C ASN B 163 -9.81 -46.91 -8.59
N ASP B 164 -8.69 -47.62 -8.53
CA ASP B 164 -8.31 -48.37 -7.36
C ASP B 164 -7.75 -47.43 -6.28
N PRO B 165 -8.25 -47.54 -5.03
CA PRO B 165 -7.81 -46.68 -3.91
C PRO B 165 -6.44 -47.08 -3.34
N LYS B 166 -5.82 -48.09 -3.95
CA LYS B 166 -4.49 -48.57 -3.55
C LYS B 166 -3.47 -48.10 -4.60
N LEU B 167 -3.98 -47.59 -5.71
CA LEU B 167 -3.14 -47.17 -6.83
C LEU B 167 -3.04 -45.66 -7.00
N GLY B 168 -1.80 -45.16 -6.96
CA GLY B 168 -1.46 -43.81 -7.41
C GLY B 168 -1.62 -42.67 -6.42
N THR B 169 -2.10 -41.54 -6.94
CA THR B 169 -2.45 -40.38 -6.14
C THR B 169 -3.57 -40.76 -5.18
N TYR B 170 -4.49 -41.60 -5.66
CA TYR B 170 -5.69 -41.99 -4.92
C TYR B 170 -5.34 -42.58 -3.58
N ASN B 171 -4.37 -43.50 -3.61
CA ASN B 171 -3.82 -44.10 -2.41
C ASN B 171 -3.07 -43.07 -1.53
N PHE B 172 -2.29 -42.20 -2.17
CA PHE B 172 -1.60 -41.13 -1.44
C PHE B 172 -2.61 -40.20 -0.75
N LEU B 173 -3.57 -39.71 -1.50
CA LEU B 173 -4.66 -38.87 -0.96
C LEU B 173 -5.49 -39.55 0.15
N THR B 174 -5.88 -40.81 -0.05
CA THR B 174 -6.59 -41.61 1.00
C THR B 174 -5.81 -41.68 2.32
N LYS B 175 -4.52 -42.00 2.24
CA LYS B 175 -3.69 -42.08 3.43
C LYS B 175 -3.39 -40.71 4.06
N PHE B 176 -3.22 -39.70 3.21
CA PHE B 176 -2.96 -38.31 3.62
C PHE B 176 -4.04 -37.80 4.58
N MET B 177 -5.28 -38.18 4.33
CA MET B 177 -6.40 -37.79 5.22
C MET B 177 -6.30 -38.20 6.68
N ASP B 178 -5.37 -39.11 7.00
CA ASP B 178 -5.10 -39.50 8.38
C ASP B 178 -3.93 -38.73 9.04
N THR B 179 -3.19 -37.96 8.24
CA THR B 179 -1.98 -37.25 8.74
C THR B 179 -2.32 -36.01 9.56
N GLN B 180 -1.42 -35.66 10.46
CA GLN B 180 -1.41 -34.34 11.12
C GLN B 180 -1.45 -33.12 10.16
N VAL B 181 -0.70 -33.19 9.05
CA VAL B 181 -0.69 -32.14 8.05
C VAL B 181 -2.09 -31.92 7.47
N TYR B 182 -2.82 -33.00 7.19
CA TYR B 182 -4.24 -32.88 6.75
C TYR B 182 -5.16 -32.06 7.69
N GLN B 183 -5.02 -32.29 9.01
CA GLN B 183 -5.75 -31.58 10.06
C GLN B 183 -5.41 -30.10 10.07
N ASP B 184 -4.12 -29.80 10.03
CA ASP B 184 -3.62 -28.42 10.07
C ASP B 184 -4.21 -27.64 8.92
N LEU B 185 -4.26 -28.30 7.76
CA LEU B 185 -4.73 -27.67 6.53
C LEU B 185 -6.22 -27.41 6.58
N VAL B 186 -6.95 -28.37 7.15
CA VAL B 186 -8.39 -28.27 7.35
C VAL B 186 -8.68 -27.13 8.32
N ALA B 187 -7.98 -27.12 9.44
CA ALA B 187 -8.02 -25.98 10.37
C ALA B 187 -7.77 -24.61 9.66
N GLU B 188 -6.69 -24.50 8.90
CA GLU B 188 -6.38 -23.27 8.11
C GLU B 188 -7.52 -22.90 7.15
N ASN B 189 -7.99 -23.89 6.41
CA ASN B 189 -9.13 -23.71 5.52
C ASN B 189 -10.45 -23.24 6.21
N ASN B 190 -10.76 -23.80 7.39
CA ASN B 190 -11.97 -23.37 8.11
C ASN B 190 -11.83 -21.90 8.55
N TYR B 191 -10.66 -21.56 9.10
CA TYR B 191 -10.27 -20.19 9.41
C TYR B 191 -10.51 -19.22 8.26
N VAL B 192 -10.05 -19.56 7.06
CA VAL B 192 -10.13 -18.71 5.90
C VAL B 192 -11.55 -18.57 5.40
N ILE B 193 -12.30 -19.67 5.40
CA ILE B 193 -13.71 -19.63 5.02
C ILE B 193 -14.47 -18.70 5.96
N GLU B 194 -14.24 -18.83 7.26
CA GLU B 194 -14.90 -17.93 8.21
C GLU B 194 -14.42 -16.50 8.10
N TYR B 195 -13.12 -16.32 7.82
CA TYR B 195 -12.56 -15.00 7.62
C TYR B 195 -13.14 -14.31 6.37
N LYS B 196 -13.21 -15.03 5.26
CA LYS B 196 -13.70 -14.51 3.98
C LYS B 196 -15.17 -14.21 3.99
N ARG B 197 -15.91 -15.03 4.71
CA ARG B 197 -17.33 -14.90 4.83
C ARG B 197 -17.57 -13.50 5.39
N LEU B 198 -17.03 -13.30 6.58
CA LEU B 198 -17.12 -12.08 7.35
C LEU B 198 -16.81 -10.78 6.55
N TRP B 199 -16.16 -10.91 5.39
CA TRP B 199 -15.69 -9.78 4.56
C TRP B 199 -16.43 -9.57 3.23
N LEU B 200 -17.30 -10.53 2.89
CA LEU B 200 -18.28 -10.38 1.85
C LEU B 200 -19.17 -9.15 2.06
N LYS B 201 -19.22 -8.62 3.29
CA LYS B 201 -19.99 -7.38 3.56
C LYS B 201 -19.50 -6.16 2.73
N ALA B 202 -18.17 -6.00 2.66
CA ALA B 202 -17.52 -4.98 1.84
C ALA B 202 -18.33 -4.63 0.58
N PRO B 203 -18.66 -3.34 0.40
CA PRO B 203 -19.17 -2.82 -0.89
C PRO B 203 -18.23 -3.11 -2.09
N PHE B 204 -16.93 -3.26 -1.81
CA PHE B 204 -15.91 -3.59 -2.77
C PHE B 204 -14.97 -4.61 -2.16
N LYS B 205 -14.56 -5.59 -2.96
CA LYS B 205 -13.58 -6.62 -2.57
C LYS B 205 -12.27 -5.99 -1.97
N PRO B 206 -11.89 -6.40 -0.74
CA PRO B 206 -10.87 -5.59 -0.04
C PRO B 206 -9.41 -5.93 -0.39
N ASN B 207 -8.57 -4.90 -0.47
CA ASN B 207 -7.12 -5.08 -0.42
C ASN B 207 -6.74 -4.92 1.06
N PHE B 208 -6.02 -5.89 1.62
CA PHE B 208 -5.51 -5.71 2.97
C PHE B 208 -4.13 -5.07 2.89
N VAL B 209 -3.86 -4.19 3.82
CA VAL B 209 -2.56 -3.56 3.95
C VAL B 209 -1.88 -3.97 5.25
N THR B 210 -0.74 -4.65 5.14
CA THR B 210 0.04 -5.07 6.31
C THR B 210 1.45 -4.45 6.25
N VAL B 211 2.21 -4.66 7.32
CA VAL B 211 3.59 -4.17 7.47
C VAL B 211 4.39 -5.28 8.10
N ASP B 212 5.71 -5.32 7.80
CA ASP B 212 6.64 -6.26 8.36
C ASP B 212 7.95 -5.54 8.64
N ALA B 213 8.77 -6.06 9.55
CA ALA B 213 10.08 -5.44 9.84
C ALA B 213 11.12 -6.49 9.60
N LEU B 214 12.10 -6.20 8.74
CA LEU B 214 13.28 -7.05 8.65
C LEU B 214 14.44 -6.46 9.48
N VAL B 215 14.73 -7.04 10.64
CA VAL B 215 15.76 -6.51 11.52
C VAL B 215 16.96 -7.44 11.55
N ILE B 216 18.13 -6.92 11.15
CA ILE B 216 19.39 -7.69 11.15
C ILE B 216 20.35 -7.07 12.17
N VAL B 217 20.82 -7.92 13.08
CA VAL B 217 21.82 -7.54 14.06
C VAL B 217 22.87 -8.65 14.05
N ASN B 218 24.15 -8.28 13.94
CA ASN B 218 25.28 -9.25 13.88
C ASN B 218 24.98 -10.43 12.97
N ASP B 219 24.54 -10.16 11.74
CA ASP B 219 24.13 -11.22 10.81
C ASP B 219 23.07 -12.19 11.32
N HIS B 220 22.18 -11.75 12.20
CA HIS B 220 20.98 -12.55 12.54
C HIS B 220 19.75 -11.79 12.11
N ILE B 221 18.74 -12.51 11.72
CA ILE B 221 17.44 -11.96 11.35
C ILE B 221 16.51 -12.28 12.50
N LEU B 222 15.72 -11.29 12.90
CA LEU B 222 14.71 -11.50 13.92
C LEU B 222 13.45 -12.16 13.32
N MET B 223 13.10 -13.32 13.83
CA MET B 223 11.87 -13.93 13.39
C MET B 223 10.96 -14.37 14.53
N VAL B 224 9.70 -14.49 14.14
CA VAL B 224 8.57 -14.75 15.02
C VAL B 224 7.97 -16.07 14.57
N GLN B 225 7.56 -16.91 15.50
CA GLN B 225 6.78 -18.09 15.14
C GLN B 225 5.32 -17.74 15.41
N ARG B 226 4.45 -18.04 14.44
CA ARG B 226 3.07 -17.57 14.47
C ARG B 226 2.11 -18.38 15.32
N LYS B 227 1.40 -17.66 16.16
CA LYS B 227 0.47 -18.27 17.11
C LYS B 227 -0.87 -18.62 16.44
N ALA B 228 -1.28 -17.82 15.46
CA ALA B 228 -2.60 -17.85 14.83
C ALA B 228 -2.49 -18.12 13.33
N HIS B 229 -3.58 -18.56 12.71
CA HIS B 229 -3.74 -18.62 11.25
C HIS B 229 -3.68 -17.25 10.60
N PRO B 230 -3.32 -17.20 9.31
CA PRO B 230 -2.79 -18.29 8.44
C PRO B 230 -1.31 -18.57 8.76
N GLY B 231 -0.78 -19.70 8.31
CA GLY B 231 0.59 -20.09 8.64
C GLY B 231 0.93 -20.29 10.11
N LYS B 232 0.01 -20.92 10.85
CA LYS B 232 0.18 -21.20 12.28
C LYS B 232 1.42 -22.07 12.49
N ASP B 233 2.24 -21.68 13.46
CA ASP B 233 3.52 -22.36 13.76
C ASP B 233 4.67 -22.17 12.76
N LEU B 234 4.40 -21.45 11.67
CA LEU B 234 5.45 -21.02 10.73
C LEU B 234 6.21 -19.84 11.28
N TRP B 235 7.44 -19.69 10.80
CA TRP B 235 8.33 -18.59 11.11
C TRP B 235 8.10 -17.41 10.16
N ALA B 236 8.14 -16.19 10.72
CA ALA B 236 7.82 -15.06 9.90
C ALA B 236 8.52 -13.84 10.44
N LEU B 237 8.63 -12.84 9.58
CA LEU B 237 9.03 -11.51 10.01
C LEU B 237 7.96 -10.96 10.98
N PRO B 238 8.38 -10.24 12.02
CA PRO B 238 7.38 -9.55 12.85
C PRO B 238 6.56 -8.55 12.04
N GLY B 239 5.24 -8.55 12.20
CA GLY B 239 4.41 -7.65 11.39
C GLY B 239 2.93 -7.91 11.54
N GLY B 240 2.09 -7.07 10.96
CA GLY B 240 0.64 -7.17 11.08
C GLY B 240 -0.07 -6.05 10.36
N PHE B 241 -1.36 -5.84 10.68
CA PHE B 241 -2.18 -4.94 9.89
C PHE B 241 -1.83 -3.51 10.17
N LEU B 242 -1.80 -2.72 9.10
CA LEU B 242 -1.76 -1.28 9.18
C LEU B 242 -3.10 -0.76 9.77
N GLU B 243 -2.99 0.17 10.73
CA GLU B 243 -4.14 0.81 11.35
C GLU B 243 -4.33 2.16 10.66
N CYS B 244 -5.59 2.61 10.66
CA CYS B 244 -6.07 3.78 9.93
C CYS B 244 -5.50 5.11 10.40
N ASP B 245 -4.99 5.13 11.62
CA ASP B 245 -4.48 6.37 12.18
C ASP B 245 -2.96 6.50 12.27
N GLU B 246 -2.21 5.55 11.71
CA GLU B 246 -0.77 5.55 11.86
C GLU B 246 -0.18 5.54 10.46
N THR B 247 1.02 6.10 10.29
CA THR B 247 1.73 5.96 8.99
C THR B 247 2.21 4.52 8.87
N ILE B 248 2.61 4.11 7.65
CA ILE B 248 3.27 2.82 7.45
C ILE B 248 4.52 2.64 8.33
N ALA B 249 5.35 3.69 8.32
CA ALA B 249 6.61 3.73 9.09
C ALA B 249 6.39 3.52 10.58
N GLN B 250 5.33 4.15 11.12
CA GLN B 250 4.88 3.94 12.50
C GLN B 250 4.37 2.51 12.72
N ALA B 251 3.56 1.98 11.80
CA ALA B 251 2.99 0.60 11.94
C ALA B 251 4.07 -0.47 12.02
N ILE B 252 5.12 -0.28 11.19
CA ILE B 252 6.26 -1.17 11.13
C ILE B 252 6.89 -1.36 12.49
N ILE B 253 7.13 -0.26 13.20
CA ILE B 253 7.74 -0.25 14.53
C ILE B 253 6.74 -0.74 15.59
N ARG B 254 5.47 -0.29 15.53
CA ARG B 254 4.42 -0.75 16.45
C ARG B 254 4.33 -2.29 16.48
N GLU B 255 4.25 -2.93 15.32
CA GLU B 255 4.12 -4.40 15.27
C GLU B 255 5.39 -5.06 15.70
N LEU B 256 6.51 -4.54 15.23
CA LEU B 256 7.77 -5.06 15.74
C LEU B 256 7.81 -5.10 17.30
N PHE B 257 7.50 -4.00 17.99
CA PHE B 257 7.57 -3.93 19.45
C PHE B 257 6.48 -4.79 20.11
N GLU B 258 5.22 -4.75 19.61
CA GLU B 258 4.16 -5.60 20.13
C GLU B 258 4.55 -7.07 20.11
N GLU B 259 5.13 -7.55 19.01
CA GLU B 259 5.35 -9.00 18.86
C GLU B 259 6.66 -9.53 19.45
N THR B 260 7.67 -8.68 19.52
CA THR B 260 9.00 -9.17 19.87
C THR B 260 9.53 -8.46 21.10
N ASN B 261 8.95 -7.31 21.45
CA ASN B 261 9.50 -6.48 22.56
C ASN B 261 11.02 -6.26 22.49
N ILE B 262 11.53 -5.94 21.29
CA ILE B 262 12.96 -5.87 21.06
C ILE B 262 13.60 -4.77 21.90
N ASN B 263 14.70 -5.09 22.57
CA ASN B 263 15.34 -4.09 23.43
C ASN B 263 16.23 -3.12 22.61
N LEU B 264 15.55 -2.30 21.79
CA LEU B 264 16.11 -1.18 21.05
C LEU B 264 15.11 -0.06 21.13
N THR B 265 15.58 1.19 21.00
CA THR B 265 14.67 2.33 20.97
C THR B 265 14.23 2.58 19.54
N HIS B 266 13.15 3.36 19.42
CA HIS B 266 12.59 3.67 18.14
C HIS B 266 13.51 4.59 17.34
N GLU B 267 14.30 5.36 18.05
CA GLU B 267 15.35 6.22 17.51
C GLU B 267 16.48 5.41 16.90
N GLN B 268 16.99 4.43 17.63
CA GLN B 268 17.96 3.46 17.10
C GLN B 268 17.50 2.76 15.82
N LEU B 269 16.25 2.32 15.81
CA LEU B 269 15.69 1.65 14.65
C LEU B 269 15.57 2.61 13.47
N ALA B 270 15.17 3.83 13.76
CA ALA B 270 15.15 4.88 12.75
C ALA B 270 16.53 5.15 12.10
N ILE B 271 17.59 5.13 12.88
CA ILE B 271 18.94 5.34 12.33
C ILE B 271 19.36 4.13 11.48
N ALA B 272 19.01 2.93 11.98
CA ALA B 272 19.29 1.64 11.31
C ALA B 272 18.48 1.34 10.06
N LYS B 273 17.44 2.13 9.80
CA LYS B 273 16.52 1.85 8.69
C LYS B 273 17.17 2.14 7.33
N ARG B 274 17.13 1.15 6.43
CA ARG B 274 17.74 1.26 5.11
C ARG B 274 16.76 1.62 4.01
N CYS B 275 15.58 0.99 4.06
CA CYS B 275 14.56 1.17 3.10
C CYS B 275 13.22 0.53 3.56
N GLU B 276 12.24 0.69 2.70
CA GLU B 276 10.94 0.12 2.89
C GLU B 276 10.53 -0.32 1.48
N LYS B 277 10.16 -1.59 1.32
CA LYS B 277 9.67 -2.15 0.02
C LYS B 277 8.25 -2.71 0.12
N VAL B 278 7.55 -2.71 -1.01
CA VAL B 278 6.18 -3.17 -1.13
C VAL B 278 6.11 -4.57 -1.80
N PHE B 279 5.27 -5.45 -1.25
CA PHE B 279 5.11 -6.78 -1.80
C PHE B 279 3.64 -7.00 -2.09
N ASP B 280 3.34 -7.20 -3.38
CA ASP B 280 1.96 -7.05 -3.89
C ASP B 280 1.56 -8.16 -4.86
N TYR B 281 2.26 -9.30 -4.84
CA TYR B 281 1.81 -10.47 -5.62
C TYR B 281 0.36 -10.82 -5.18
N PRO B 282 -0.63 -10.80 -6.12
CA PRO B 282 -2.06 -10.89 -5.71
C PRO B 282 -2.44 -12.11 -4.86
N ASP B 283 -1.76 -13.24 -5.04
CA ASP B 283 -2.04 -14.43 -4.27
C ASP B 283 -1.05 -14.83 -3.22
N ARG B 284 -0.19 -13.90 -2.80
CA ARG B 284 0.78 -14.15 -1.72
C ARG B 284 0.14 -14.67 -0.43
N SER B 285 -1.07 -14.24 -0.11
CA SER B 285 -1.72 -14.71 1.12
C SER B 285 -3.12 -15.32 0.88
N VAL B 286 -3.46 -16.35 1.67
CA VAL B 286 -4.78 -17.07 1.58
C VAL B 286 -6.06 -16.35 2.11
N ARG B 287 -5.90 -15.31 2.93
CA ARG B 287 -7.01 -14.50 3.49
C ARG B 287 -7.77 -13.71 2.43
N GLY B 288 -7.09 -13.39 1.35
CA GLY B 288 -7.54 -12.34 0.46
C GLY B 288 -6.32 -11.57 0.03
N ARG B 289 -6.52 -10.48 -0.73
CA ARG B 289 -5.43 -9.76 -1.30
C ARG B 289 -4.78 -8.85 -0.28
N THR B 290 -3.53 -9.16 0.03
CA THR B 290 -2.74 -8.54 1.11
C THR B 290 -1.43 -8.01 0.52
N ILE B 291 -1.27 -6.69 0.61
CA ILE B 291 -0.07 -5.97 0.21
C ILE B 291 0.71 -5.68 1.46
N SER B 292 1.98 -6.04 1.44
CA SER B 292 2.83 -5.77 2.59
C SER B 292 3.93 -4.75 2.38
N HIS B 293 4.11 -3.84 3.35
CA HIS B 293 5.21 -2.90 3.29
C HIS B 293 6.23 -3.36 4.31
N VAL B 294 7.44 -3.66 3.85
CA VAL B 294 8.49 -4.18 4.70
C VAL B 294 9.68 -3.21 4.86
N GLY B 295 9.94 -2.83 6.11
CA GLY B 295 11.09 -2.01 6.49
C GLY B 295 12.29 -2.89 6.79
N LEU B 296 13.47 -2.48 6.31
CA LEU B 296 14.72 -3.16 6.57
C LEU B 296 15.51 -2.33 7.56
N PHE B 297 15.97 -2.98 8.63
CA PHE B 297 16.75 -2.34 9.70
C PHE B 297 18.04 -3.15 9.85
N VAL B 298 19.20 -2.50 9.67
CA VAL B 298 20.49 -3.18 9.76
C VAL B 298 21.37 -2.56 10.81
N PHE B 299 21.80 -3.39 11.75
CA PHE B 299 22.87 -3.06 12.72
C PHE B 299 24.05 -3.94 12.35
N ASP B 300 25.02 -3.41 11.61
CA ASP B 300 26.19 -4.22 11.16
C ASP B 300 26.82 -4.94 12.31
N GLN B 301 26.90 -4.26 13.46
CA GLN B 301 27.35 -4.87 14.70
C GLN B 301 26.68 -4.26 15.93
N TRP B 302 26.57 -5.06 17.00
CA TRP B 302 26.00 -4.57 18.30
C TRP B 302 26.72 -5.37 19.40
N PRO B 303 26.86 -4.80 20.61
CA PRO B 303 27.59 -5.57 21.61
C PRO B 303 27.03 -6.97 21.77
N SER B 304 25.71 -7.08 21.67
CA SER B 304 25.06 -8.39 21.75
C SER B 304 23.75 -8.35 20.95
N LEU B 305 23.07 -9.49 20.88
CA LEU B 305 21.73 -9.57 20.28
C LEU B 305 20.72 -8.96 21.26
N PRO B 306 19.98 -7.91 20.83
CA PRO B 306 19.01 -7.36 21.77
C PRO B 306 18.04 -8.41 22.37
N GLU B 307 17.67 -8.19 23.62
CA GLU B 307 16.64 -9.00 24.28
C GLU B 307 15.36 -8.92 23.49
N ILE B 308 14.70 -10.08 23.41
CA ILE B 308 13.44 -10.24 22.70
C ILE B 308 12.55 -11.12 23.55
N ASN B 309 11.25 -10.83 23.58
CA ASN B 309 10.26 -11.65 24.27
C ASN B 309 8.99 -11.71 23.46
N ALA B 310 8.53 -12.91 23.12
CA ALA B 310 7.31 -13.04 22.32
C ALA B 310 6.04 -12.52 23.02
N ALA B 311 5.13 -11.90 22.26
CA ALA B 311 3.87 -11.39 22.80
C ALA B 311 2.83 -11.36 21.67
N ASP B 312 1.56 -11.11 22.02
CA ASP B 312 0.45 -11.06 21.05
C ASP B 312 0.39 -12.28 20.10
N ASP B 313 0.40 -12.07 18.80
CA ASP B 313 0.22 -13.21 17.91
C ASP B 313 1.51 -14.01 17.62
N ALA B 314 2.61 -13.62 18.28
CA ALA B 314 3.86 -14.41 18.26
C ALA B 314 4.00 -15.36 19.48
N LYS B 315 4.17 -16.66 19.21
CA LYS B 315 4.29 -17.63 20.29
C LYS B 315 5.73 -17.89 20.64
N ASP B 316 6.61 -17.38 19.80
CA ASP B 316 8.03 -17.51 20.00
C ASP B 316 8.71 -16.44 19.13
N VAL B 317 9.96 -16.12 19.45
CA VAL B 317 10.74 -15.12 18.73
C VAL B 317 12.20 -15.58 18.79
N LYS B 318 12.94 -15.45 17.71
CA LYS B 318 14.32 -15.93 17.62
C LYS B 318 15.21 -15.07 16.71
N TRP B 319 16.47 -14.90 17.12
CA TRP B 319 17.53 -14.38 16.28
C TRP B 319 18.11 -15.57 15.57
N ILE B 320 18.07 -15.52 14.24
CA ILE B 320 18.46 -16.67 13.41
C ILE B 320 19.54 -16.22 12.44
N SER B 321 20.68 -16.88 12.45
CA SER B 321 21.80 -16.36 11.71
C SER B 321 21.66 -16.60 10.21
N LEU B 322 22.12 -15.63 9.43
CA LEU B 322 22.18 -15.74 7.95
C LEU B 322 23.03 -16.92 7.52
N GLY B 323 22.80 -17.37 6.29
CA GLY B 323 23.51 -18.54 5.78
C GLY B 323 22.69 -19.78 6.05
N SER B 324 23.34 -20.81 6.58
CA SER B 324 22.72 -22.13 6.61
C SER B 324 21.48 -22.24 7.52
N ASN B 325 21.48 -21.52 8.64
CA ASN B 325 20.35 -21.62 9.57
C ASN B 325 19.04 -21.04 9.06
N ILE B 326 19.17 -19.99 8.24
CA ILE B 326 18.05 -19.40 7.53
C ILE B 326 17.58 -20.32 6.39
N LYS B 327 18.51 -20.79 5.56
CA LYS B 327 18.24 -21.77 4.48
C LYS B 327 17.51 -23.04 4.99
N ASN B 328 17.81 -23.46 6.23
CA ASN B 328 17.22 -24.67 6.80
C ASN B 328 15.75 -24.57 7.26
N ILE B 329 15.27 -23.34 7.48
CA ILE B 329 13.85 -23.09 7.73
C ILE B 329 13.14 -22.43 6.55
N CYS B 330 13.76 -22.46 5.36
CA CYS B 330 13.20 -21.80 4.15
C CYS B 330 11.86 -22.34 3.73
N ASP B 331 11.56 -23.56 4.16
CA ASP B 331 10.27 -24.22 3.89
C ASP B 331 9.37 -24.34 5.14
N ARG B 332 9.71 -23.55 6.18
CA ARG B 332 8.94 -23.43 7.42
C ARG B 332 8.55 -21.95 7.67
N MET B 333 8.48 -21.17 6.61
CA MET B 333 8.17 -19.76 6.68
C MET B 333 6.78 -19.43 6.13
N LEU B 334 6.21 -18.35 6.63
CA LEU B 334 4.95 -17.80 6.15
C LEU B 334 5.05 -17.24 4.73
N GLU B 335 4.07 -17.65 3.93
CA GLU B 335 3.76 -17.02 2.66
C GLU B 335 5.02 -16.81 1.79
N ASP B 336 5.24 -15.58 1.31
CA ASP B 336 6.43 -15.21 0.53
C ASP B 336 7.60 -14.63 1.34
N HIS B 337 7.68 -14.90 2.63
CA HIS B 337 8.69 -14.23 3.48
C HIS B 337 10.12 -14.62 3.18
N TYR B 338 10.32 -15.82 2.68
CA TYR B 338 11.68 -16.21 2.26
C TYR B 338 12.13 -15.37 1.04
N GLN B 339 11.23 -15.12 0.10
CA GLN B 339 11.54 -14.23 -1.03
C GLN B 339 11.84 -12.82 -0.54
N ILE B 340 11.00 -12.30 0.36
CA ILE B 340 11.16 -10.97 0.90
C ILE B 340 12.52 -10.81 1.51
N ILE B 341 12.92 -11.75 2.38
CA ILE B 341 14.24 -11.72 3.00
C ILE B 341 15.33 -11.64 1.93
N THR B 342 15.25 -12.52 0.94
CA THR B 342 16.20 -12.62 -0.14
C THR B 342 16.34 -11.31 -0.91
N ILE B 343 15.20 -10.76 -1.33
CA ILE B 343 15.15 -9.48 -2.06
C ILE B 343 15.78 -8.31 -1.25
N LEU B 344 15.29 -8.05 -0.04
CA LEU B 344 15.75 -6.91 0.78
C LEU B 344 17.25 -6.96 1.08
N LEU B 345 17.81 -8.13 1.31
CA LEU B 345 19.26 -8.26 1.56
C LEU B 345 20.11 -8.08 0.29
N GLU B 346 19.50 -8.34 -0.86
CA GLU B 346 20.13 -8.15 -2.13
C GLU B 346 20.09 -6.68 -2.50
N GLU B 347 18.91 -6.06 -2.49
CA GLU B 347 18.80 -4.74 -3.07
C GLU B 347 18.87 -3.54 -2.12
N CYS B 348 19.03 -3.80 -0.82
CA CYS B 348 18.90 -2.75 0.21
C CYS B 348 19.98 -2.57 1.33
N GLY B 349 20.89 -3.49 1.64
CA GLY B 349 21.15 -4.75 0.96
C GLY B 349 22.52 -5.25 1.45
#